data_6N64
#
_entry.id   6N64
#
_cell.length_a   123.549
_cell.length_b   123.549
_cell.length_c   232.869
_cell.angle_alpha   90.000
_cell.angle_beta   90.000
_cell.angle_gamma   90.000
#
_symmetry.space_group_name_H-M   'P 41 21 2'
#
loop_
_entity.id
_entity.type
_entity.pdbx_description
1 polymer 'Structural maintenance of chromosomes flexible hinge domain-containing protein 1'
2 polymer 'Uncharacterized peptide from Structural maintenance of chromosomes flexible hinge domain-containing protein 1'
#
loop_
_entity_poly.entity_id
_entity_poly.type
_entity_poly.pdbx_seq_one_letter_code
_entity_poly.pdbx_strand_id
1 'polypeptide(L)'
;GA(MSE)GSTQQTTHIEALLEKKITEQNELKKRPRRLCTLPNYTKRSGDILGKIAHLAQIEDDRAA(MSE)VISWHLASD
(MSE)DCVVTLTTDAARAIYDETQGRQQVLPLDSIYRKTLPDWKRPLPHFRNGKLHFKPFGNPVFARDLLTFPDNIEHCE
TVFG(MSE)LLGDTIILDNLDAANHYRKEVVKITHCPTLLTRDGDRIRSNGKFGGLQNKAPP(MSE)DKLRG(MSE)VFG
APVPKQ
;
A,B,C,D,E,F
2 'polypeptide(L)'
;(UNK)(UNK)(UNK)(UNK)(UNK)(UNK)(UNK)(UNK)(UNK)(UNK)(UNK)(UNK)(UNK)(UNK)(UNK)(UNK)
(UNK)(UNK)(UNK)(UNK)(UNK)
;
G,H
#
# COMPACT_ATOMS: atom_id res chain seq x y z
N ASN A 38 -21.26 1.68 6.28
CA ASN A 38 -21.51 2.12 4.90
C ASN A 38 -20.58 1.42 3.85
N TYR A 39 -19.64 0.58 4.35
CA TYR A 39 -18.65 -0.11 3.52
C TYR A 39 -19.00 -1.58 3.13
N THR A 40 -20.29 -1.89 2.91
CA THR A 40 -20.68 -3.26 2.57
C THR A 40 -20.79 -3.46 1.07
N LYS A 41 -20.81 -4.74 0.63
CA LYS A 41 -20.98 -5.18 -0.77
C LYS A 41 -22.41 -4.86 -1.22
N ARG A 42 -23.37 -4.97 -0.28
CA ARG A 42 -24.80 -4.70 -0.45
C ARG A 42 -25.13 -3.22 -0.17
N SER A 43 -24.40 -2.32 -0.88
CA SER A 43 -24.55 -0.87 -0.81
C SER A 43 -25.87 -0.43 -1.45
N GLY A 44 -26.30 -1.19 -2.47
CA GLY A 44 -27.57 -0.99 -3.16
C GLY A 44 -28.75 -1.18 -2.26
N ASP A 45 -28.71 -2.21 -1.39
CA ASP A 45 -29.73 -2.52 -0.39
C ASP A 45 -29.97 -1.33 0.54
N ILE A 46 -28.89 -0.72 1.05
CA ILE A 46 -28.92 0.44 1.93
C ILE A 46 -29.61 1.63 1.22
N LEU A 47 -29.19 1.96 -0.03
CA LEU A 47 -29.76 3.04 -0.87
C LEU A 47 -31.23 2.81 -1.17
N GLY A 48 -31.57 1.58 -1.59
CA GLY A 48 -32.95 1.17 -1.87
C GLY A 48 -33.85 1.34 -0.65
N LYS A 49 -33.30 1.09 0.56
CA LYS A 49 -34.02 1.23 1.82
C LYS A 49 -34.26 2.71 2.20
N ILE A 50 -33.22 3.56 2.10
CA ILE A 50 -33.37 4.98 2.43
C ILE A 50 -34.07 5.77 1.29
N ALA A 51 -34.35 5.11 0.13
CA ALA A 51 -35.12 5.69 -0.96
C ALA A 51 -36.60 5.73 -0.53
N HIS A 52 -37.05 4.66 0.15
CA HIS A 52 -38.40 4.53 0.69
C HIS A 52 -38.63 5.45 1.93
N LEU A 53 -37.53 6.05 2.46
CA LEU A 53 -37.56 6.99 3.58
C LEU A 53 -37.85 8.43 3.13
N ALA A 54 -37.15 8.91 2.05
CA ALA A 54 -37.36 10.25 1.47
C ALA A 54 -38.72 10.15 0.79
N GLN A 55 -39.72 10.86 1.33
CA GLN A 55 -41.09 10.70 0.86
C GLN A 55 -41.38 11.21 -0.56
N ILE A 56 -41.57 10.21 -1.43
CA ILE A 56 -41.93 10.29 -2.85
C ILE A 56 -43.44 10.00 -2.87
N GLU A 57 -44.22 10.96 -3.41
CA GLU A 57 -45.69 10.90 -3.52
C GLU A 57 -46.18 9.66 -4.29
N ASP A 58 -45.48 9.27 -5.39
CA ASP A 58 -45.85 8.12 -6.20
C ASP A 58 -45.14 6.86 -5.74
N ASP A 59 -45.92 5.88 -5.26
CA ASP A 59 -45.47 4.56 -4.79
C ASP A 59 -44.85 3.72 -5.94
N ARG A 60 -45.25 4.03 -7.19
CA ARG A 60 -44.73 3.40 -8.40
C ARG A 60 -43.33 3.95 -8.64
N ALA A 61 -43.18 5.30 -8.63
CA ALA A 61 -41.90 6.00 -8.83
C ALA A 61 -40.91 5.65 -7.75
N ALA A 62 -41.40 5.47 -6.52
CA ALA A 62 -40.58 5.09 -5.38
C ALA A 62 -39.97 3.71 -5.60
N VAL A 64 -39.41 2.06 -8.53
CA VAL A 64 -38.43 2.11 -9.63
C VAL A 64 -37.15 2.76 -9.19
N ILE A 65 -37.21 3.92 -8.51
CA ILE A 65 -36.03 4.64 -8.05
C ILE A 65 -35.22 3.75 -7.09
N SER A 66 -35.86 3.11 -6.10
CA SER A 66 -35.18 2.21 -5.17
C SER A 66 -34.61 0.98 -5.87
N TRP A 67 -35.41 0.33 -6.77
CA TRP A 67 -34.93 -0.82 -7.54
C TRP A 67 -33.72 -0.44 -8.38
N HIS A 68 -33.76 0.72 -9.04
CA HIS A 68 -32.68 1.20 -9.90
C HIS A 68 -31.40 1.31 -9.12
N LEU A 69 -31.42 1.91 -7.91
CA LEU A 69 -30.24 2.06 -7.06
C LEU A 69 -29.82 0.72 -6.48
N ALA A 70 -30.78 -0.07 -6.01
CA ALA A 70 -30.55 -1.40 -5.46
C ALA A 70 -29.90 -2.35 -6.46
N SER A 71 -30.31 -2.29 -7.74
CA SER A 71 -29.80 -3.14 -8.83
C SER A 71 -28.38 -2.81 -9.20
N ASP A 72 -28.09 -1.52 -9.33
CA ASP A 72 -26.79 -0.97 -9.69
C ASP A 72 -25.66 -1.31 -8.69
N ASP A 74 -23.84 -3.42 -6.39
CA ASP A 74 -23.41 -4.77 -6.06
C ASP A 74 -21.94 -4.51 -5.69
N CYS A 75 -21.66 -3.20 -5.50
CA CYS A 75 -20.37 -2.60 -5.22
C CYS A 75 -20.27 -1.93 -3.84
N VAL A 76 -19.00 -1.78 -3.37
CA VAL A 76 -18.61 -1.10 -2.14
C VAL A 76 -18.44 0.38 -2.49
N VAL A 77 -19.18 1.26 -1.82
CA VAL A 77 -19.08 2.70 -2.06
C VAL A 77 -18.14 3.33 -1.04
N THR A 78 -17.11 4.03 -1.53
CA THR A 78 -16.15 4.72 -0.67
C THR A 78 -16.24 6.21 -0.94
N LEU A 79 -15.72 7.02 -0.03
CA LEU A 79 -15.68 8.47 -0.18
C LEU A 79 -14.62 8.85 -1.20
N THR A 80 -13.42 8.24 -1.09
CA THR A 80 -12.27 8.50 -1.94
C THR A 80 -11.76 7.34 -2.76
N THR A 81 -11.12 7.68 -3.90
CA THR A 81 -10.49 6.73 -4.82
C THR A 81 -9.43 5.92 -4.09
N ASP A 82 -8.64 6.59 -3.23
CA ASP A 82 -7.60 5.94 -2.47
C ASP A 82 -8.10 4.70 -1.73
N ALA A 83 -9.25 4.80 -1.03
CA ALA A 83 -9.85 3.69 -0.30
C ALA A 83 -10.47 2.69 -1.25
N ALA A 84 -11.16 3.17 -2.30
CA ALA A 84 -11.77 2.30 -3.30
C ALA A 84 -10.69 1.43 -3.92
N ARG A 85 -9.52 2.01 -4.30
CA ARG A 85 -8.48 1.18 -4.87
C ARG A 85 -7.80 0.31 -3.83
N ALA A 86 -7.71 0.77 -2.58
CA ALA A 86 -7.12 -0.07 -1.54
C ALA A 86 -7.96 -1.35 -1.39
N ILE A 87 -9.30 -1.20 -1.41
CA ILE A 87 -10.23 -2.33 -1.36
C ILE A 87 -10.05 -3.20 -2.58
N TYR A 88 -9.99 -2.58 -3.77
CA TYR A 88 -9.77 -3.25 -5.04
C TYR A 88 -8.48 -4.10 -5.00
N ASP A 89 -7.36 -3.48 -4.63
CA ASP A 89 -6.05 -4.11 -4.57
C ASP A 89 -6.01 -5.34 -3.68
N GLU A 90 -6.50 -5.22 -2.42
CA GLU A 90 -6.46 -6.34 -1.47
C GLU A 90 -7.35 -7.52 -1.89
N THR A 91 -8.35 -7.21 -2.73
CA THR A 91 -9.30 -8.14 -3.28
C THR A 91 -8.82 -8.70 -4.65
N GLN A 92 -7.58 -8.31 -5.09
CA GLN A 92 -7.03 -8.70 -6.39
C GLN A 92 -8.05 -8.35 -7.49
N GLY A 93 -8.60 -7.15 -7.39
CA GLY A 93 -9.59 -6.61 -8.31
C GLY A 93 -10.92 -7.32 -8.36
N ARG A 94 -11.18 -8.31 -7.44
CA ARG A 94 -12.42 -9.10 -7.45
C ARG A 94 -13.66 -8.37 -6.95
N GLN A 95 -13.50 -7.43 -5.99
CA GLN A 95 -14.58 -6.63 -5.42
C GLN A 95 -14.85 -5.38 -6.25
N GLN A 96 -16.12 -5.17 -6.66
CA GLN A 96 -16.48 -3.95 -7.39
C GLN A 96 -16.55 -2.78 -6.41
N VAL A 97 -15.97 -1.62 -6.77
CA VAL A 97 -15.94 -0.42 -5.92
C VAL A 97 -16.41 0.84 -6.66
N LEU A 98 -16.78 1.88 -5.91
CA LEU A 98 -17.23 3.13 -6.51
C LEU A 98 -16.93 4.30 -5.58
N PRO A 99 -15.88 5.10 -5.88
CA PRO A 99 -15.57 6.24 -5.01
C PRO A 99 -16.39 7.46 -5.37
N LEU A 100 -16.95 8.13 -4.35
CA LEU A 100 -17.78 9.32 -4.56
C LEU A 100 -16.97 10.51 -5.07
N ASP A 101 -15.64 10.50 -4.85
CA ASP A 101 -14.76 11.55 -5.33
C ASP A 101 -14.52 11.43 -6.86
N SER A 102 -15.09 10.38 -7.50
CA SER A 102 -15.00 10.15 -8.94
C SER A 102 -16.37 10.28 -9.60
N ILE A 103 -17.30 10.98 -8.92
CA ILE A 103 -18.65 11.24 -9.42
C ILE A 103 -18.77 12.76 -9.60
N TYR A 104 -19.24 13.24 -10.78
CA TYR A 104 -19.44 14.66 -11.09
C TYR A 104 -20.57 15.26 -10.22
N ARG A 105 -20.17 15.95 -9.13
CA ARG A 105 -21.06 16.60 -8.17
C ARG A 105 -21.55 17.91 -8.78
N LYS A 106 -22.76 17.88 -9.38
CA LYS A 106 -23.43 19.00 -10.07
C LYS A 106 -23.21 20.35 -9.36
N THR A 107 -22.57 21.26 -10.09
CA THR A 107 -22.14 22.60 -9.66
C THR A 107 -23.28 23.50 -9.14
N LEU A 108 -22.91 24.61 -8.44
CA LEU A 108 -23.76 25.65 -7.81
C LEU A 108 -25.09 25.94 -8.58
N PRO A 109 -25.13 26.29 -9.91
CA PRO A 109 -26.43 26.51 -10.57
C PRO A 109 -27.15 25.20 -10.95
N ASP A 110 -27.17 24.21 -10.01
CA ASP A 110 -27.77 22.86 -10.11
C ASP A 110 -29.26 22.87 -10.51
N TRP A 111 -30.03 23.77 -9.86
CA TRP A 111 -31.47 24.01 -10.04
C TRP A 111 -31.79 24.73 -11.35
N LYS A 112 -30.79 25.50 -11.87
CA LYS A 112 -30.88 26.28 -13.12
C LYS A 112 -30.72 25.38 -14.36
N ARG A 113 -30.60 24.05 -14.15
CA ARG A 113 -30.42 23.03 -15.18
C ARG A 113 -31.75 22.31 -15.46
N PRO A 114 -32.35 22.54 -16.64
CA PRO A 114 -33.63 21.90 -16.98
C PRO A 114 -33.51 20.53 -17.66
N LEU A 115 -34.66 19.87 -17.90
CA LEU A 115 -34.70 18.57 -18.57
C LEU A 115 -34.11 18.68 -19.98
N PRO A 116 -33.52 17.60 -20.54
CA PRO A 116 -32.84 17.71 -21.84
C PRO A 116 -33.67 18.17 -23.04
N HIS A 117 -35.03 18.13 -22.97
CA HIS A 117 -35.88 18.60 -24.07
C HIS A 117 -35.84 20.15 -24.20
N PHE A 118 -34.93 20.78 -23.40
CA PHE A 118 -34.61 22.19 -23.36
C PHE A 118 -33.14 22.38 -23.66
N ARG A 119 -32.83 23.17 -24.69
CA ARG A 119 -31.44 23.46 -25.03
C ARG A 119 -31.31 24.86 -25.60
N ASN A 120 -30.34 25.61 -25.05
CA ASN A 120 -30.04 26.99 -25.45
C ASN A 120 -31.26 27.95 -25.24
N GLY A 121 -32.15 27.55 -24.33
CA GLY A 121 -33.34 28.31 -23.96
C GLY A 121 -34.45 28.21 -25.00
N LYS A 122 -34.84 26.98 -25.29
CA LYS A 122 -35.87 26.65 -26.26
C LYS A 122 -36.41 25.29 -25.88
N LEU A 123 -37.75 25.13 -25.95
CA LEU A 123 -38.39 23.83 -25.76
C LEU A 123 -38.22 23.24 -27.14
N HIS A 124 -37.46 22.14 -27.21
CA HIS A 124 -37.12 21.49 -28.47
C HIS A 124 -38.22 20.59 -29.01
N PHE A 125 -39.02 20.00 -28.12
CA PHE A 125 -40.16 19.18 -28.51
C PHE A 125 -41.13 19.07 -27.33
N LYS A 126 -42.40 18.68 -27.59
CA LYS A 126 -43.37 18.47 -26.53
C LYS A 126 -43.26 17.00 -26.10
N PRO A 127 -42.68 16.75 -24.90
CA PRO A 127 -42.50 15.35 -24.47
C PRO A 127 -43.77 14.72 -23.93
N PHE A 128 -43.77 13.36 -23.85
CA PHE A 128 -44.91 12.63 -23.31
C PHE A 128 -44.52 11.92 -22.02
N GLY A 129 -45.52 11.47 -21.27
CA GLY A 129 -45.36 10.75 -20.01
C GLY A 129 -44.73 11.52 -18.89
N ASN A 130 -44.92 12.84 -18.88
CA ASN A 130 -44.44 13.78 -17.86
C ASN A 130 -43.01 13.47 -17.34
N PRO A 131 -41.96 13.75 -18.15
CA PRO A 131 -40.60 13.52 -17.68
C PRO A 131 -40.28 14.47 -16.53
N VAL A 132 -39.51 13.97 -15.56
CA VAL A 132 -39.12 14.67 -14.34
C VAL A 132 -37.86 14.04 -13.79
N PHE A 133 -36.91 14.87 -13.32
CA PHE A 133 -35.67 14.35 -12.76
C PHE A 133 -36.01 13.50 -11.54
N ALA A 134 -35.48 12.25 -11.49
CA ALA A 134 -35.74 11.30 -10.43
C ALA A 134 -35.49 11.94 -9.07
N ARG A 135 -34.36 12.67 -8.95
CA ARG A 135 -33.94 13.41 -7.75
C ARG A 135 -35.00 14.39 -7.27
N ASP A 136 -35.67 15.09 -8.21
CA ASP A 136 -36.69 16.07 -7.91
C ASP A 136 -37.95 15.49 -7.24
N LEU A 137 -38.07 14.15 -7.17
CA LEU A 137 -39.20 13.49 -6.53
C LEU A 137 -38.95 13.19 -5.06
N LEU A 138 -37.67 13.23 -4.65
CA LEU A 138 -37.26 12.95 -3.28
C LEU A 138 -37.37 14.19 -2.41
N THR A 139 -37.90 14.01 -1.18
CA THR A 139 -38.04 15.07 -0.19
C THR A 139 -37.45 14.53 1.11
N PHE A 140 -36.15 14.80 1.30
CA PHE A 140 -35.41 14.35 2.47
C PHE A 140 -35.72 15.19 3.70
N PRO A 141 -36.24 14.57 4.78
CA PRO A 141 -36.54 15.35 6.00
C PRO A 141 -35.29 15.95 6.66
N ASP A 142 -35.48 16.95 7.53
CA ASP A 142 -34.43 17.68 8.24
C ASP A 142 -33.38 16.81 8.98
N ASN A 143 -33.79 15.64 9.54
CA ASN A 143 -32.90 14.71 10.26
C ASN A 143 -31.83 14.08 9.35
N ILE A 144 -32.25 13.75 8.11
CA ILE A 144 -31.44 13.12 7.06
C ILE A 144 -31.34 14.05 5.83
N GLU A 145 -30.86 15.29 6.07
CA GLU A 145 -30.65 16.30 5.01
C GLU A 145 -29.29 16.09 4.30
N HIS A 146 -28.38 15.31 4.95
CA HIS A 146 -27.03 14.97 4.47
C HIS A 146 -27.05 13.90 3.38
N CYS A 147 -27.88 12.85 3.51
CA CYS A 147 -27.99 11.78 2.52
C CYS A 147 -28.60 12.23 1.18
N GLU A 148 -29.17 13.45 1.16
CA GLU A 148 -29.76 14.08 -0.02
C GLU A 148 -28.68 14.33 -1.08
N THR A 149 -27.45 14.67 -0.62
CA THR A 149 -26.30 14.96 -1.47
C THR A 149 -25.86 13.69 -2.21
N VAL A 150 -25.50 12.62 -1.45
CA VAL A 150 -25.03 11.34 -1.99
C VAL A 150 -26.08 10.71 -2.94
N PHE A 151 -27.37 10.93 -2.65
CA PHE A 151 -28.49 10.46 -3.46
C PHE A 151 -28.54 11.18 -4.79
N GLY A 152 -28.54 12.51 -4.74
CA GLY A 152 -28.54 13.36 -5.92
C GLY A 152 -27.38 13.10 -6.85
N LEU A 154 -25.57 9.82 -6.84
CA LEU A 154 -25.79 8.44 -7.31
C LEU A 154 -26.94 8.28 -8.31
N LEU A 155 -28.02 9.06 -8.11
CA LEU A 155 -29.18 9.08 -9.01
C LEU A 155 -28.78 9.85 -10.26
N GLY A 156 -28.23 11.05 -10.06
CA GLY A 156 -27.81 11.90 -11.16
C GLY A 156 -28.94 12.45 -11.99
N ASP A 157 -28.68 12.63 -13.30
CA ASP A 157 -29.66 13.17 -14.26
C ASP A 157 -30.74 12.17 -14.73
N THR A 158 -30.92 11.03 -14.02
CA THR A 158 -31.92 10.02 -14.33
C THR A 158 -33.32 10.71 -14.35
N ILE A 159 -34.11 10.41 -15.40
CA ILE A 159 -35.45 10.95 -15.61
C ILE A 159 -36.49 9.85 -15.49
N ILE A 160 -37.59 10.16 -14.81
CA ILE A 160 -38.64 9.17 -14.69
C ILE A 160 -39.86 9.65 -15.49
N LEU A 161 -40.25 8.82 -16.48
CA LEU A 161 -41.38 9.03 -17.38
C LEU A 161 -42.46 8.03 -16.99
N ASP A 162 -43.70 8.22 -17.45
CA ASP A 162 -44.84 7.37 -17.11
C ASP A 162 -44.76 5.94 -17.64
N ASN A 163 -44.37 5.79 -18.91
CA ASN A 163 -44.32 4.48 -19.60
C ASN A 163 -43.17 4.36 -20.59
N LEU A 164 -42.96 3.13 -21.10
CA LEU A 164 -41.90 2.87 -22.08
C LEU A 164 -42.11 3.62 -23.38
N ASP A 165 -43.36 3.69 -23.87
CA ASP A 165 -43.72 4.37 -25.12
C ASP A 165 -43.25 5.84 -25.04
N ALA A 166 -43.48 6.51 -23.88
CA ALA A 166 -43.10 7.90 -23.61
C ALA A 166 -41.60 8.02 -23.63
N ALA A 167 -40.94 7.09 -22.92
CA ALA A 167 -39.50 7.02 -22.74
C ALA A 167 -38.76 6.82 -24.05
N ASN A 168 -39.22 5.82 -24.86
CA ASN A 168 -38.65 5.51 -26.16
C ASN A 168 -38.64 6.74 -27.05
N HIS A 169 -39.77 7.47 -27.02
CA HIS A 169 -39.98 8.69 -27.76
C HIS A 169 -39.04 9.77 -27.26
N TYR A 170 -39.01 9.95 -25.92
CA TYR A 170 -38.17 10.94 -25.27
C TYR A 170 -36.73 10.80 -25.68
N ARG A 171 -36.19 9.57 -25.56
CA ARG A 171 -34.82 9.30 -25.92
C ARG A 171 -34.52 9.57 -27.37
N LYS A 172 -35.40 9.10 -28.30
CA LYS A 172 -35.23 9.29 -29.75
C LYS A 172 -35.02 10.75 -30.09
N GLU A 173 -35.82 11.63 -29.46
CA GLU A 173 -35.80 13.07 -29.65
C GLU A 173 -34.66 13.77 -28.93
N VAL A 174 -34.43 13.47 -27.63
CA VAL A 174 -33.36 14.07 -26.83
C VAL A 174 -32.00 13.92 -27.53
N VAL A 175 -31.70 12.68 -27.99
CA VAL A 175 -30.49 12.26 -28.65
C VAL A 175 -30.27 13.02 -30.01
N LYS A 176 -31.30 13.71 -30.53
CA LYS A 176 -31.18 14.52 -31.76
C LYS A 176 -30.36 15.77 -31.46
N ILE A 177 -30.34 16.21 -30.19
CA ILE A 177 -29.65 17.45 -29.80
C ILE A 177 -28.57 17.26 -28.76
N THR A 178 -28.72 16.29 -27.84
CA THR A 178 -27.75 16.05 -26.76
C THR A 178 -27.71 14.60 -26.25
N HIS A 179 -26.84 14.31 -25.26
CA HIS A 179 -26.70 13.04 -24.57
C HIS A 179 -27.95 12.81 -23.75
N CYS A 180 -28.42 11.56 -23.66
CA CYS A 180 -29.62 11.24 -22.88
C CYS A 180 -29.30 10.40 -21.66
N PRO A 181 -29.78 10.84 -20.47
CA PRO A 181 -29.53 10.08 -19.24
C PRO A 181 -30.33 8.79 -19.14
N THR A 182 -30.21 8.10 -17.97
CA THR A 182 -30.96 6.88 -17.70
C THR A 182 -32.43 7.27 -17.63
N LEU A 183 -33.29 6.50 -18.28
CA LEU A 183 -34.71 6.75 -18.25
C LEU A 183 -35.36 5.63 -17.50
N LEU A 184 -36.23 5.97 -16.54
CA LEU A 184 -36.96 4.99 -15.76
C LEU A 184 -38.44 5.21 -15.99
N THR A 185 -39.20 4.14 -16.17
CA THR A 185 -40.63 4.28 -16.36
C THR A 185 -41.32 3.93 -15.07
N ARG A 186 -42.46 4.59 -14.80
CA ARG A 186 -43.29 4.34 -13.62
C ARG A 186 -43.85 2.90 -13.66
N ASP A 187 -43.70 2.20 -14.80
CA ASP A 187 -44.11 0.80 -15.00
C ASP A 187 -42.97 -0.15 -14.59
N GLY A 188 -41.86 0.42 -14.17
CA GLY A 188 -40.71 -0.34 -13.67
C GLY A 188 -39.69 -0.74 -14.70
N ASP A 189 -39.56 0.08 -15.75
CA ASP A 189 -38.61 -0.20 -16.82
C ASP A 189 -37.43 0.74 -16.83
N ARG A 190 -36.27 0.24 -17.24
CA ARG A 190 -35.08 1.07 -17.36
C ARG A 190 -34.55 1.08 -18.79
N ILE A 191 -34.17 2.27 -19.25
CA ILE A 191 -33.49 2.47 -20.53
C ILE A 191 -32.16 3.07 -20.11
N ARG A 192 -31.11 2.24 -20.17
CA ARG A 192 -29.76 2.64 -19.81
C ARG A 192 -29.31 3.82 -20.67
N SER A 193 -28.45 4.66 -20.10
CA SER A 193 -27.88 5.86 -20.72
C SER A 193 -27.20 5.58 -22.07
N ASN A 194 -26.80 4.31 -22.33
CA ASN A 194 -26.15 3.88 -23.58
C ASN A 194 -27.16 3.50 -24.63
N GLY A 195 -28.46 3.56 -24.27
CA GLY A 195 -29.56 3.26 -25.16
C GLY A 195 -30.17 1.89 -24.99
N LYS A 196 -29.45 0.97 -24.30
CA LYS A 196 -29.87 -0.40 -24.02
C LYS A 196 -31.08 -0.46 -23.11
N PHE A 197 -32.11 -1.16 -23.58
CA PHE A 197 -33.32 -1.40 -22.81
C PHE A 197 -33.73 -2.83 -23.10
N GLY A 198 -34.58 -3.40 -22.26
CA GLY A 198 -34.92 -4.80 -22.45
C GLY A 198 -34.02 -5.71 -21.61
N GLY A 199 -34.48 -6.95 -21.45
CA GLY A 199 -33.84 -7.93 -20.58
C GLY A 199 -34.38 -7.81 -19.18
N LEU A 200 -34.29 -8.90 -18.38
CA LEU A 200 -34.78 -8.89 -17.01
C LEU A 200 -33.94 -8.01 -16.10
N GLN A 201 -32.72 -7.71 -16.55
CA GLN A 201 -31.77 -6.82 -15.90
C GLN A 201 -32.38 -5.41 -15.77
N ASN A 202 -33.26 -5.04 -16.73
CA ASN A 202 -33.83 -3.71 -16.80
C ASN A 202 -35.32 -3.62 -16.46
N LYS A 203 -35.79 -4.52 -15.59
CA LYS A 203 -37.18 -4.48 -15.14
C LYS A 203 -37.27 -4.74 -13.66
N ALA A 204 -37.93 -3.82 -12.94
CA ALA A 204 -38.16 -3.89 -11.50
C ALA A 204 -39.13 -5.04 -11.15
N PRO A 205 -38.91 -5.72 -10.00
CA PRO A 205 -39.78 -6.83 -9.60
C PRO A 205 -41.22 -6.40 -9.34
N PRO A 206 -42.22 -7.32 -9.58
CA PRO A 206 -43.66 -6.98 -9.48
C PRO A 206 -44.07 -5.78 -8.60
N THR B 35 -20.24 -4.46 -43.03
CA THR B 35 -20.48 -3.08 -43.49
C THR B 35 -21.88 -2.55 -43.08
N LEU B 36 -22.95 -3.35 -43.34
CA LEU B 36 -24.38 -3.05 -43.08
C LEU B 36 -24.88 -3.63 -41.68
N PRO B 37 -26.21 -3.81 -41.36
CA PRO B 37 -26.56 -4.34 -40.00
C PRO B 37 -26.59 -5.85 -39.85
N ASN B 38 -25.94 -6.34 -38.81
CA ASN B 38 -25.89 -7.78 -38.53
C ASN B 38 -26.60 -8.02 -37.20
N TYR B 39 -27.83 -8.53 -37.29
CA TYR B 39 -28.64 -8.81 -36.09
C TYR B 39 -28.16 -10.09 -35.47
N THR B 40 -27.97 -10.06 -34.14
CA THR B 40 -27.55 -11.20 -33.31
C THR B 40 -27.78 -10.80 -31.90
N LYS B 41 -27.95 -11.78 -31.02
CA LYS B 41 -28.05 -11.52 -29.59
C LYS B 41 -26.58 -11.31 -29.11
N ARG B 42 -25.62 -11.93 -29.82
CA ARG B 42 -24.18 -11.81 -29.60
C ARG B 42 -23.64 -10.74 -30.56
N SER B 43 -24.08 -9.48 -30.36
CA SER B 43 -23.69 -8.29 -31.14
C SER B 43 -22.25 -7.90 -30.85
N GLY B 44 -21.84 -8.17 -29.61
CA GLY B 44 -20.50 -7.89 -29.12
C GLY B 44 -19.45 -8.67 -29.88
N ASP B 45 -19.71 -9.98 -30.11
CA ASP B 45 -18.83 -10.88 -30.83
C ASP B 45 -18.45 -10.31 -32.18
N ILE B 46 -19.45 -9.82 -32.95
CA ILE B 46 -19.26 -9.23 -34.28
C ILE B 46 -18.36 -8.00 -34.19
N LEU B 47 -18.67 -7.07 -33.26
CA LEU B 47 -17.90 -5.84 -33.04
C LEU B 47 -16.46 -6.11 -32.56
N GLY B 48 -16.31 -7.04 -31.61
CA GLY B 48 -15.02 -7.49 -31.11
C GLY B 48 -14.13 -8.06 -32.20
N LYS B 49 -14.77 -8.75 -33.18
CA LYS B 49 -14.09 -9.32 -34.33
C LYS B 49 -13.61 -8.23 -35.31
N ILE B 50 -14.47 -7.19 -35.56
CA ILE B 50 -14.16 -6.03 -36.42
C ILE B 50 -13.07 -5.13 -35.81
N ALA B 51 -13.03 -5.02 -34.46
CA ALA B 51 -12.02 -4.23 -33.74
C ALA B 51 -10.60 -4.71 -34.12
N HIS B 52 -10.43 -6.03 -34.26
CA HIS B 52 -9.16 -6.63 -34.64
C HIS B 52 -8.85 -6.44 -36.14
N LEU B 53 -9.85 -5.98 -36.92
CA LEU B 53 -9.71 -5.72 -38.35
C LEU B 53 -9.17 -4.30 -38.62
N ALA B 54 -9.65 -3.29 -37.87
CA ALA B 54 -9.20 -1.89 -37.97
C ALA B 54 -7.77 -1.83 -37.43
N GLN B 55 -6.81 -1.45 -38.29
CA GLN B 55 -5.37 -1.41 -38.02
C GLN B 55 -5.00 -0.68 -36.70
N ILE B 56 -4.84 -1.49 -35.65
CA ILE B 56 -4.48 -1.10 -34.27
C ILE B 56 -3.01 -1.42 -34.00
N GLU B 57 -2.18 -0.39 -33.74
CA GLU B 57 -0.73 -0.59 -33.55
C GLU B 57 -0.36 -1.31 -32.22
N ASP B 58 -1.22 -1.19 -31.17
CA ASP B 58 -1.00 -1.82 -29.87
C ASP B 58 -1.91 -3.04 -29.70
N ASP B 59 -1.30 -4.24 -29.58
CA ASP B 59 -2.01 -5.52 -29.40
C ASP B 59 -2.72 -5.58 -28.04
N ARG B 60 -2.23 -4.77 -27.07
CA ARG B 60 -2.82 -4.66 -25.73
C ARG B 60 -4.12 -3.84 -25.87
N ALA B 61 -4.05 -2.66 -26.53
CA ALA B 61 -5.18 -1.77 -26.78
C ALA B 61 -6.22 -2.46 -27.64
N ALA B 62 -5.75 -3.34 -28.56
CA ALA B 62 -6.56 -4.14 -29.46
C ALA B 62 -7.45 -5.08 -28.66
N VAL B 64 -8.31 -4.98 -25.22
CA VAL B 64 -9.26 -4.34 -24.32
C VAL B 64 -10.38 -3.67 -25.13
N ILE B 65 -10.08 -3.02 -26.27
CA ILE B 65 -11.11 -2.36 -27.09
C ILE B 65 -12.10 -3.44 -27.62
N SER B 66 -11.59 -4.59 -28.08
CA SER B 66 -12.43 -5.71 -28.53
C SER B 66 -13.23 -6.29 -27.35
N TRP B 67 -12.58 -6.50 -26.17
CA TRP B 67 -13.25 -7.03 -24.97
C TRP B 67 -14.38 -6.15 -24.52
N HIS B 68 -14.13 -4.84 -24.43
CA HIS B 68 -15.09 -3.85 -23.97
C HIS B 68 -16.37 -3.87 -24.78
N LEU B 69 -16.27 -4.02 -26.11
CA LEU B 69 -17.45 -4.05 -26.98
C LEU B 69 -18.15 -5.37 -26.84
N ALA B 70 -17.39 -6.48 -26.89
CA ALA B 70 -17.89 -7.87 -26.75
C ALA B 70 -18.61 -8.12 -25.43
N SER B 71 -18.14 -7.44 -24.36
CA SER B 71 -18.69 -7.54 -23.03
C SER B 71 -19.98 -6.75 -22.91
N ASP B 72 -20.00 -5.49 -23.43
CA ASP B 72 -21.17 -4.62 -23.35
C ASP B 72 -22.34 -5.07 -24.26
N ASP B 74 -24.38 -7.42 -25.31
CA ASP B 74 -24.98 -8.75 -25.05
C ASP B 74 -26.49 -8.75 -25.45
N CYS B 75 -26.86 -7.73 -26.25
CA CYS B 75 -28.18 -7.39 -26.76
C CYS B 75 -28.24 -7.53 -28.27
N VAL B 76 -29.44 -7.28 -28.82
CA VAL B 76 -29.75 -7.24 -30.24
C VAL B 76 -29.66 -5.77 -30.66
N VAL B 77 -28.78 -5.46 -31.63
CA VAL B 77 -28.63 -4.07 -32.09
C VAL B 77 -29.47 -3.87 -33.35
N THR B 78 -30.37 -2.88 -33.31
CA THR B 78 -31.22 -2.53 -34.46
C THR B 78 -30.88 -1.14 -34.89
N LEU B 79 -31.27 -0.79 -36.12
CA LEU B 79 -31.05 0.55 -36.66
C LEU B 79 -32.03 1.51 -36.00
N THR B 80 -33.31 1.11 -35.88
CA THR B 80 -34.39 1.93 -35.35
C THR B 80 -35.09 1.40 -34.12
N THR B 81 -35.64 2.34 -33.34
CA THR B 81 -36.39 2.07 -32.11
C THR B 81 -37.60 1.17 -32.43
N ASP B 82 -38.26 1.44 -33.58
CA ASP B 82 -39.43 0.68 -34.02
C ASP B 82 -39.14 -0.84 -34.02
N ALA B 83 -37.99 -1.26 -34.58
CA ALA B 83 -37.61 -2.69 -34.61
C ALA B 83 -37.13 -3.17 -33.26
N ALA B 84 -36.37 -2.33 -32.54
CA ALA B 84 -35.89 -2.66 -31.20
C ALA B 84 -37.08 -2.94 -30.30
N ARG B 85 -38.13 -2.07 -30.34
CA ARG B 85 -39.27 -2.34 -29.49
C ARG B 85 -40.12 -3.48 -29.98
N ALA B 86 -40.19 -3.70 -31.31
CA ALA B 86 -40.94 -4.84 -31.83
C ALA B 86 -40.32 -6.13 -31.28
N ILE B 87 -38.95 -6.21 -31.26
CA ILE B 87 -38.23 -7.34 -30.70
C ILE B 87 -38.52 -7.44 -29.22
N TYR B 88 -38.41 -6.32 -28.50
CA TYR B 88 -38.70 -6.25 -27.06
C TYR B 88 -40.10 -6.78 -26.75
N ASP B 89 -41.12 -6.25 -27.43
CA ASP B 89 -42.52 -6.60 -27.24
C ASP B 89 -42.81 -8.10 -27.41
N GLU B 90 -42.35 -8.69 -28.53
CA GLU B 90 -42.61 -10.11 -28.82
C GLU B 90 -41.92 -11.05 -27.82
N THR B 91 -40.86 -10.55 -27.16
CA THR B 91 -40.06 -11.25 -26.18
C THR B 91 -40.58 -10.95 -24.76
N GLN B 92 -41.71 -10.20 -24.63
CA GLN B 92 -42.29 -9.76 -23.34
C GLN B 92 -41.17 -9.09 -22.50
N GLY B 93 -40.40 -8.25 -23.17
CA GLY B 93 -39.29 -7.51 -22.58
C GLY B 93 -38.10 -8.30 -22.11
N ARG B 94 -38.07 -9.61 -22.43
CA ARG B 94 -36.97 -10.48 -21.95
C ARG B 94 -35.64 -10.30 -22.70
N GLN B 95 -35.70 -9.93 -24.01
CA GLN B 95 -34.54 -9.73 -24.87
C GLN B 95 -34.01 -8.30 -24.74
N GLN B 96 -32.70 -8.14 -24.44
CA GLN B 96 -32.11 -6.80 -24.37
C GLN B 96 -31.88 -6.28 -25.81
N VAL B 97 -32.25 -5.03 -26.08
CA VAL B 97 -32.13 -4.40 -27.39
C VAL B 97 -31.40 -3.05 -27.33
N LEU B 98 -30.92 -2.56 -28.48
CA LEU B 98 -30.25 -1.27 -28.52
C LEU B 98 -30.40 -0.67 -29.90
N PRO B 99 -31.30 0.34 -30.07
CA PRO B 99 -31.45 0.97 -31.40
C PRO B 99 -30.42 2.06 -31.61
N LEU B 100 -29.78 2.06 -32.80
CA LEU B 100 -28.77 3.05 -33.14
C LEU B 100 -29.36 4.45 -33.32
N ASP B 101 -30.68 4.54 -33.60
CA ASP B 101 -31.37 5.82 -33.73
C ASP B 101 -31.58 6.49 -32.34
N SER B 102 -31.17 5.80 -31.24
CA SER B 102 -31.27 6.31 -29.88
C SER B 102 -29.87 6.53 -29.30
N ILE B 103 -28.87 6.70 -30.17
CA ILE B 103 -27.48 6.96 -29.80
C ILE B 103 -27.15 8.34 -30.34
N TYR B 104 -26.64 9.26 -29.49
CA TYR B 104 -26.28 10.64 -29.88
C TYR B 104 -25.07 10.65 -30.83
N ARG B 105 -25.22 11.32 -31.98
CA ARG B 105 -24.18 11.41 -33.00
C ARG B 105 -23.39 12.69 -32.86
N LYS B 106 -22.03 12.56 -32.81
CA LYS B 106 -21.08 13.67 -32.72
C LYS B 106 -21.32 14.66 -33.84
N THR B 107 -21.32 15.96 -33.52
CA THR B 107 -21.54 16.99 -34.52
C THR B 107 -20.24 17.18 -35.35
N LEU B 108 -20.40 17.66 -36.62
CA LEU B 108 -19.33 17.86 -37.61
C LEU B 108 -17.93 18.26 -37.05
N PRO B 109 -17.73 19.22 -36.08
CA PRO B 109 -16.35 19.52 -35.64
C PRO B 109 -15.75 18.46 -34.70
N ASP B 110 -15.27 17.33 -35.30
CA ASP B 110 -14.64 16.24 -34.56
C ASP B 110 -13.14 16.51 -34.27
N TRP B 111 -12.56 17.54 -34.93
CA TRP B 111 -11.19 18.04 -34.68
C TRP B 111 -11.32 18.77 -33.33
N LYS B 112 -12.46 19.50 -33.18
CA LYS B 112 -12.89 20.29 -32.02
C LYS B 112 -13.59 19.39 -31.01
N ARG B 113 -12.99 18.21 -30.73
CA ARG B 113 -13.41 17.21 -29.74
C ARG B 113 -12.13 16.80 -29.02
N PRO B 114 -11.51 17.67 -28.18
CA PRO B 114 -10.28 17.24 -27.49
C PRO B 114 -10.59 16.41 -26.25
N LEU B 115 -9.55 15.77 -25.66
CA LEU B 115 -9.71 14.94 -24.45
C LEU B 115 -10.26 15.81 -23.28
N PRO B 116 -11.05 15.26 -22.34
CA PRO B 116 -11.68 16.10 -21.29
C PRO B 116 -10.73 16.91 -20.39
N HIS B 117 -9.42 16.60 -20.38
CA HIS B 117 -8.46 17.36 -19.57
C HIS B 117 -8.16 18.75 -20.15
N PHE B 118 -8.76 19.09 -21.30
CA PHE B 118 -8.66 20.40 -21.95
C PHE B 118 -9.99 21.14 -21.73
N ARG B 119 -9.93 22.23 -20.95
CA ARG B 119 -11.08 23.03 -20.56
C ARG B 119 -11.59 23.91 -21.71
N ASN B 120 -10.89 25.03 -21.96
CA ASN B 120 -11.30 25.99 -23.00
C ASN B 120 -10.18 26.18 -24.08
N GLY B 121 -9.82 25.06 -24.73
CA GLY B 121 -8.77 25.01 -25.73
C GLY B 121 -7.38 25.24 -25.15
N LYS B 122 -7.24 24.92 -23.84
CA LYS B 122 -6.03 25.04 -23.01
C LYS B 122 -6.04 23.89 -21.99
N LEU B 123 -4.84 23.49 -21.51
CA LEU B 123 -4.65 22.38 -20.56
C LEU B 123 -5.05 22.72 -19.11
N HIS B 124 -6.08 22.01 -18.60
CA HIS B 124 -6.62 22.17 -17.24
C HIS B 124 -5.77 21.47 -16.18
N PHE B 125 -5.36 20.21 -16.46
CA PHE B 125 -4.51 19.40 -15.59
C PHE B 125 -3.57 18.50 -16.42
N LYS B 126 -2.43 18.06 -15.83
CA LYS B 126 -1.46 17.23 -16.53
C LYS B 126 -1.75 15.73 -16.31
N PRO B 127 -2.19 15.00 -17.36
CA PRO B 127 -2.54 13.57 -17.17
C PRO B 127 -1.37 12.60 -17.30
N PHE B 128 -1.57 11.37 -16.81
CA PHE B 128 -0.58 10.30 -16.88
C PHE B 128 -1.12 9.16 -17.73
N GLY B 129 -0.23 8.24 -18.14
CA GLY B 129 -0.57 7.06 -18.92
C GLY B 129 -1.10 7.29 -20.31
N ASN B 130 -0.68 8.40 -20.93
CA ASN B 130 -1.04 8.80 -22.30
C ASN B 130 -2.51 8.53 -22.66
N PRO B 131 -3.47 9.35 -22.14
CA PRO B 131 -4.87 9.15 -22.52
C PRO B 131 -5.06 9.47 -24.01
N VAL B 132 -5.93 8.71 -24.67
CA VAL B 132 -6.25 8.84 -26.09
C VAL B 132 -7.64 8.27 -26.35
N PHE B 133 -8.45 8.93 -27.21
CA PHE B 133 -9.78 8.44 -27.55
C PHE B 133 -9.63 7.08 -28.21
N ALA B 134 -10.39 6.08 -27.70
CA ALA B 134 -10.34 4.71 -28.20
C ALA B 134 -10.50 4.67 -29.70
N ARG B 135 -11.49 5.44 -30.22
CA ARG B 135 -11.80 5.60 -31.64
C ARG B 135 -10.61 6.04 -32.46
N ASP B 136 -9.80 6.97 -31.92
CA ASP B 136 -8.61 7.51 -32.59
C ASP B 136 -7.51 6.47 -32.83
N LEU B 137 -7.63 5.26 -32.26
CA LEU B 137 -6.66 4.19 -32.46
C LEU B 137 -7.01 3.30 -33.64
N LEU B 138 -8.26 3.35 -34.09
CA LEU B 138 -8.75 2.56 -35.20
C LEU B 138 -8.49 3.26 -36.53
N THR B 139 -8.08 2.47 -37.52
CA THR B 139 -7.84 2.97 -38.88
C THR B 139 -8.60 2.01 -39.80
N PHE B 140 -9.85 2.37 -40.12
CA PHE B 140 -10.70 1.55 -40.98
C PHE B 140 -10.30 1.67 -42.44
N PRO B 141 -9.92 0.55 -43.10
CA PRO B 141 -9.54 0.64 -44.52
C PRO B 141 -10.74 0.96 -45.43
N ASP B 142 -10.46 1.50 -46.63
CA ASP B 142 -11.46 1.93 -47.63
C ASP B 142 -12.52 0.85 -48.01
N ASN B 143 -12.13 -0.45 -48.02
CA ASN B 143 -13.02 -1.58 -48.33
C ASN B 143 -14.18 -1.75 -47.31
N ILE B 144 -13.85 -1.70 -45.98
CA ILE B 144 -14.76 -1.80 -44.83
C ILE B 144 -14.57 -0.53 -43.97
N GLU B 145 -15.04 0.61 -44.52
CA GLU B 145 -14.99 1.95 -43.93
C GLU B 145 -16.43 2.36 -43.57
N HIS B 146 -17.41 1.55 -43.99
CA HIS B 146 -18.85 1.73 -43.76
C HIS B 146 -19.27 1.44 -42.31
N CYS B 147 -18.37 0.77 -41.54
CA CYS B 147 -18.50 0.36 -40.13
C CYS B 147 -17.77 1.30 -39.15
N GLU B 148 -17.03 2.29 -39.69
CA GLU B 148 -16.32 3.32 -38.92
C GLU B 148 -17.32 4.19 -38.15
N THR B 149 -18.52 4.42 -38.74
CA THR B 149 -19.58 5.22 -38.16
C THR B 149 -20.16 4.53 -36.93
N VAL B 150 -20.69 3.29 -37.10
CA VAL B 150 -21.31 2.49 -36.02
C VAL B 150 -20.32 2.26 -34.85
N PHE B 151 -19.02 2.12 -35.17
CA PHE B 151 -17.94 1.95 -34.21
C PHE B 151 -17.76 3.20 -33.39
N GLY B 152 -17.57 4.33 -34.06
CA GLY B 152 -17.39 5.64 -33.44
C GLY B 152 -18.54 6.01 -32.53
N LEU B 154 -20.83 3.42 -31.01
CA LEU B 154 -20.81 2.42 -29.94
C LEU B 154 -19.63 2.59 -28.97
N LEU B 155 -18.47 3.01 -29.49
CA LEU B 155 -17.27 3.27 -28.70
C LEU B 155 -17.48 4.59 -27.99
N GLY B 156 -17.83 5.62 -28.75
CA GLY B 156 -18.05 6.95 -28.22
C GLY B 156 -16.78 7.62 -27.69
N ASP B 157 -16.94 8.42 -26.64
CA ASP B 157 -15.84 9.17 -26.00
C ASP B 157 -14.96 8.33 -25.05
N THR B 158 -15.02 6.98 -25.12
CA THR B 158 -14.19 6.12 -24.28
C THR B 158 -12.70 6.42 -24.54
N ILE B 159 -11.94 6.45 -23.44
CA ILE B 159 -10.52 6.77 -23.45
C ILE B 159 -9.70 5.59 -22.99
N ILE B 160 -8.56 5.39 -23.64
CA ILE B 160 -7.62 4.36 -23.27
C ILE B 160 -6.38 5.00 -22.64
N LEU B 161 -6.10 4.61 -21.39
CA LEU B 161 -4.92 5.02 -20.61
C LEU B 161 -4.05 3.78 -20.44
N ASP B 162 -2.77 3.96 -20.06
CA ASP B 162 -1.81 2.87 -19.91
C ASP B 162 -2.11 1.89 -18.78
N ASN B 163 -2.50 2.42 -17.61
CA ASN B 163 -2.75 1.62 -16.40
C ASN B 163 -3.89 2.15 -15.55
N LEU B 164 -4.27 1.36 -14.51
CA LEU B 164 -5.34 1.75 -13.60
C LEU B 164 -4.98 2.99 -12.79
N ASP B 165 -3.73 3.10 -12.31
CA ASP B 165 -3.27 4.29 -11.57
C ASP B 165 -3.53 5.57 -12.38
N ALA B 166 -3.18 5.54 -13.68
CA ALA B 166 -3.37 6.61 -14.64
C ALA B 166 -4.87 6.92 -14.82
N ALA B 167 -5.67 5.84 -15.01
CA ALA B 167 -7.11 5.92 -15.21
C ALA B 167 -7.79 6.54 -14.00
N ASN B 168 -7.52 5.99 -12.80
CA ASN B 168 -8.07 6.44 -11.51
C ASN B 168 -7.89 7.93 -11.32
N HIS B 169 -6.66 8.43 -11.64
CA HIS B 169 -6.24 9.82 -11.55
C HIS B 169 -6.99 10.67 -12.52
N TYR B 170 -7.04 10.21 -13.79
CA TYR B 170 -7.71 10.89 -14.88
C TYR B 170 -9.14 11.22 -14.52
N ARG B 171 -9.88 10.19 -14.08
CA ARG B 171 -11.26 10.36 -13.70
C ARG B 171 -11.45 11.33 -12.54
N LYS B 172 -10.64 11.20 -11.48
CA LYS B 172 -10.74 12.06 -10.29
C LYS B 172 -10.68 13.53 -10.68
N GLU B 173 -9.76 13.86 -11.62
CA GLU B 173 -9.53 15.22 -12.10
C GLU B 173 -10.55 15.68 -13.11
N VAL B 174 -10.88 14.85 -14.13
CA VAL B 174 -11.85 15.18 -15.18
C VAL B 174 -13.17 15.62 -14.55
N VAL B 175 -13.67 14.81 -13.61
CA VAL B 175 -14.92 14.96 -12.88
C VAL B 175 -14.96 16.29 -12.04
N LYS B 176 -13.80 16.95 -11.83
CA LYS B 176 -13.75 18.24 -11.12
C LYS B 176 -14.33 19.36 -12.01
N ILE B 177 -14.30 19.15 -13.34
CA ILE B 177 -14.75 20.16 -14.30
C ILE B 177 -15.88 19.69 -15.21
N THR B 178 -15.93 18.39 -15.56
CA THR B 178 -16.94 17.86 -16.47
C THR B 178 -17.25 16.36 -16.25
N HIS B 179 -18.19 15.81 -17.04
CA HIS B 179 -18.59 14.42 -17.05
C HIS B 179 -17.45 13.59 -17.61
N CYS B 180 -17.25 12.38 -17.07
CA CYS B 180 -16.17 11.53 -17.52
C CYS B 180 -16.67 10.28 -18.22
N PRO B 181 -16.15 10.01 -19.45
CA PRO B 181 -16.54 8.80 -20.17
C PRO B 181 -15.95 7.52 -19.61
N THR B 182 -16.21 6.40 -20.28
CA THR B 182 -15.68 5.10 -19.88
C THR B 182 -14.18 5.15 -20.07
N LEU B 183 -13.45 4.54 -19.15
CA LEU B 183 -12.01 4.51 -19.30
C LEU B 183 -11.54 3.07 -19.35
N LEU B 184 -10.71 2.74 -20.35
CA LEU B 184 -10.12 1.42 -20.48
C LEU B 184 -8.58 1.51 -20.28
N THR B 185 -7.98 0.56 -19.56
CA THR B 185 -6.54 0.56 -19.38
C THR B 185 -5.94 -0.46 -20.32
N ARG B 186 -4.71 -0.21 -20.80
CA ARG B 186 -3.99 -1.13 -21.67
C ARG B 186 -3.66 -2.45 -20.93
N ASP B 187 -3.88 -2.48 -19.60
CA ASP B 187 -3.71 -3.66 -18.76
C ASP B 187 -5.01 -4.51 -18.76
N GLY B 188 -6.04 -4.02 -19.46
CA GLY B 188 -7.32 -4.72 -19.60
C GLY B 188 -8.35 -4.43 -18.55
N ASP B 189 -8.33 -3.21 -18.02
CA ASP B 189 -9.27 -2.80 -16.98
C ASP B 189 -10.28 -1.80 -17.48
N ARG B 190 -11.48 -1.80 -16.87
CA ARG B 190 -12.50 -0.82 -17.23
C ARG B 190 -13.00 -0.06 -16.01
N ILE B 191 -13.18 1.26 -16.20
CA ILE B 191 -13.79 2.15 -15.22
C ILE B 191 -15.03 2.69 -15.94
N ARG B 192 -16.19 2.17 -15.55
CA ARG B 192 -17.49 2.55 -16.12
C ARG B 192 -17.72 4.05 -15.95
N SER B 193 -18.46 4.64 -16.90
CA SER B 193 -18.81 6.06 -16.95
C SER B 193 -19.48 6.57 -15.67
N ASN B 194 -20.06 5.66 -14.84
CA ASN B 194 -20.72 5.98 -13.56
C ASN B 194 -19.72 5.99 -12.42
N GLY B 195 -18.47 5.66 -12.70
CA GLY B 195 -17.39 5.65 -11.72
C GLY B 195 -17.01 4.28 -11.18
N LYS B 196 -17.89 3.28 -11.40
CA LYS B 196 -17.70 1.91 -10.93
C LYS B 196 -16.54 1.25 -11.65
N PHE B 197 -15.65 0.65 -10.89
CA PHE B 197 -14.51 -0.12 -11.39
C PHE B 197 -14.33 -1.29 -10.46
N GLY B 198 -13.58 -2.29 -10.87
CA GLY B 198 -13.42 -3.45 -10.01
C GLY B 198 -14.42 -4.53 -10.34
N GLY B 199 -14.16 -5.72 -9.84
CA GLY B 199 -14.96 -6.91 -10.13
C GLY B 199 -14.43 -7.56 -11.40
N LEU B 200 -14.70 -8.86 -11.56
CA LEU B 200 -14.24 -9.60 -12.73
C LEU B 200 -14.96 -9.18 -13.98
N GLN B 201 -16.12 -8.52 -13.82
CA GLN B 201 -16.95 -7.92 -14.86
C GLN B 201 -16.16 -6.87 -15.62
N ASN B 202 -15.19 -6.20 -14.95
CA ASN B 202 -14.44 -5.12 -15.56
C ASN B 202 -12.98 -5.44 -15.85
N LYS B 203 -12.66 -6.72 -16.09
CA LYS B 203 -11.31 -7.12 -16.45
C LYS B 203 -11.34 -8.07 -17.63
N ALA B 204 -10.58 -7.71 -18.68
CA ALA B 204 -10.43 -8.47 -19.91
C ALA B 204 -9.62 -9.74 -19.65
N PRO B 205 -9.97 -10.88 -20.29
CA PRO B 205 -9.23 -12.13 -20.06
C PRO B 205 -7.77 -12.07 -20.54
N PRO B 206 -6.86 -12.82 -19.88
CA PRO B 206 -5.44 -12.78 -20.27
C PRO B 206 -5.09 -13.21 -21.73
N LEU C 33 31.73 7.04 21.50
CA LEU C 33 31.32 7.41 20.13
C LEU C 33 32.50 7.34 19.08
N CYS C 34 32.18 7.01 17.82
CA CYS C 34 33.21 6.99 16.79
C CYS C 34 33.23 8.33 16.04
N THR C 35 34.42 8.98 15.99
CA THR C 35 34.72 10.22 15.25
C THR C 35 36.06 10.08 14.57
N LEU C 36 36.61 8.83 14.61
CA LEU C 36 37.88 8.41 14.02
C LEU C 36 38.00 8.73 12.52
N PRO C 37 37.09 8.29 11.59
CA PRO C 37 37.27 8.65 10.16
C PRO C 37 36.68 10.03 9.80
N ASN C 38 36.14 10.69 10.82
CA ASN C 38 35.49 11.99 10.74
C ASN C 38 36.44 13.18 10.77
N TYR C 39 36.03 14.21 9.99
CA TYR C 39 36.57 15.56 9.90
C TYR C 39 38.02 15.62 9.39
N THR C 40 38.35 14.66 8.53
CA THR C 40 39.64 14.51 7.89
C THR C 40 39.44 13.97 6.49
N LYS C 41 40.26 14.44 5.56
CA LYS C 41 40.25 14.07 4.15
C LYS C 41 40.79 12.67 3.99
N ARG C 42 41.68 12.26 4.90
CA ARG C 42 42.30 10.93 4.91
C ARG C 42 41.41 9.92 5.67
N SER C 43 40.09 9.98 5.41
CA SER C 43 39.09 9.09 6.02
C SER C 43 39.42 7.64 5.69
N GLY C 44 39.92 7.42 4.46
CA GLY C 44 40.27 6.12 3.91
C GLY C 44 41.39 5.44 4.65
N ASP C 45 42.47 6.19 4.94
CA ASP C 45 43.63 5.72 5.68
C ASP C 45 43.24 5.19 7.04
N ILE C 46 42.36 5.93 7.75
CA ILE C 46 41.84 5.57 9.08
C ILE C 46 41.07 4.25 9.01
N LEU C 47 40.13 4.13 8.05
CA LEU C 47 39.31 2.93 7.82
C LEU C 47 40.17 1.71 7.43
N GLY C 48 41.10 1.92 6.51
CA GLY C 48 42.04 0.89 6.06
C GLY C 48 42.88 0.37 7.20
N LYS C 49 43.23 1.25 8.16
CA LYS C 49 44.02 0.90 9.34
C LYS C 49 43.20 0.06 10.32
N ILE C 50 41.91 0.48 10.56
CA ILE C 50 40.92 -0.17 11.44
C ILE C 50 40.62 -1.58 10.91
N ALA C 51 40.63 -1.72 9.59
CA ALA C 51 40.31 -2.95 8.90
C ALA C 51 41.28 -4.06 9.29
N HIS C 52 42.58 -3.72 9.38
CA HIS C 52 43.64 -4.64 9.76
C HIS C 52 43.60 -5.00 11.25
N LEU C 53 42.80 -4.22 12.04
CA LEU C 53 42.61 -4.44 13.47
C LEU C 53 41.49 -5.45 13.75
N ALA C 54 40.38 -5.40 12.96
CA ALA C 54 39.27 -6.36 13.05
C ALA C 54 39.81 -7.71 12.55
N GLN C 55 39.96 -8.65 13.47
CA GLN C 55 40.56 -9.96 13.19
C GLN C 55 39.86 -10.72 12.02
N ILE C 56 40.46 -10.63 10.80
CA ILE C 56 40.04 -11.32 9.56
C ILE C 56 41.05 -12.45 9.38
N GLU C 57 40.56 -13.70 9.35
CA GLU C 57 41.39 -14.90 9.25
C GLU C 57 42.23 -14.94 7.96
N ASP C 58 41.65 -14.50 6.81
CA ASP C 58 42.33 -14.48 5.52
C ASP C 58 43.04 -13.15 5.30
N ASP C 59 44.39 -13.20 5.22
CA ASP C 59 45.24 -12.03 4.99
C ASP C 59 45.05 -11.47 3.57
N ARG C 60 44.53 -12.29 2.64
CA ARG C 60 44.21 -11.87 1.28
C ARG C 60 42.92 -11.02 1.35
N ALA C 61 41.87 -11.54 2.02
CA ALA C 61 40.59 -10.86 2.20
C ALA C 61 40.74 -9.57 2.98
N ALA C 62 41.63 -9.55 3.98
CA ALA C 62 41.86 -8.37 4.79
C ALA C 62 42.54 -7.27 3.98
N VAL C 64 42.23 -6.78 0.59
CA VAL C 64 41.22 -6.25 -0.34
C VAL C 64 40.25 -5.33 0.36
N ILE C 65 39.69 -5.78 1.52
CA ILE C 65 38.74 -4.99 2.30
C ILE C 65 39.36 -3.65 2.72
N SER C 66 40.60 -3.72 3.27
CA SER C 66 41.39 -2.56 3.68
C SER C 66 41.57 -1.60 2.50
N TRP C 67 42.17 -2.10 1.38
CA TRP C 67 42.40 -1.33 0.15
C TRP C 67 41.13 -0.70 -0.40
N HIS C 68 40.01 -1.46 -0.42
CA HIS C 68 38.75 -1.00 -0.93
C HIS C 68 38.28 0.25 -0.21
N LEU C 69 38.34 0.23 1.15
CA LEU C 69 37.90 1.37 1.96
C LEU C 69 38.88 2.53 1.85
N ALA C 70 40.19 2.22 1.88
CA ALA C 70 41.26 3.18 1.75
C ALA C 70 41.23 3.93 0.42
N SER C 71 40.91 3.23 -0.69
CA SER C 71 40.85 3.79 -2.04
C SER C 71 39.70 4.75 -2.20
N ASP C 72 38.51 4.33 -1.73
CA ASP C 72 37.25 5.07 -1.81
C ASP C 72 37.28 6.47 -1.15
N ASP C 74 38.46 9.87 -0.26
CA ASP C 74 39.25 11.02 -0.69
C ASP C 74 38.54 12.25 -0.05
N CYS C 75 37.37 11.95 0.61
CA CYS C 75 36.37 12.76 1.28
C CYS C 75 36.48 12.82 2.80
N VAL C 76 35.79 13.84 3.39
CA VAL C 76 35.59 14.14 4.82
C VAL C 76 34.26 13.49 5.23
N VAL C 77 34.29 12.61 6.23
CA VAL C 77 33.08 11.92 6.69
C VAL C 77 32.51 12.63 7.91
N THR C 78 31.23 13.02 7.83
CA THR C 78 30.54 13.67 8.95
C THR C 78 29.38 12.80 9.37
N LEU C 79 28.87 13.02 10.59
CA LEU C 79 27.71 12.27 11.09
C LEU C 79 26.43 12.73 10.37
N THR C 80 26.26 14.05 10.23
CA THR C 80 25.09 14.68 9.64
C THR C 80 25.36 15.50 8.39
N THR C 81 24.31 15.62 7.56
CA THR C 81 24.28 16.41 6.33
C THR C 81 24.60 17.86 6.65
N ASP C 82 24.04 18.39 7.78
CA ASP C 82 24.26 19.76 8.20
C ASP C 82 25.75 20.11 8.27
N ALA C 83 26.57 19.24 8.89
CA ALA C 83 28.02 19.47 8.98
C ALA C 83 28.73 19.22 7.65
N ALA C 84 28.32 18.15 6.92
CA ALA C 84 28.88 17.86 5.61
C ALA C 84 28.68 19.05 4.70
N ARG C 85 27.45 19.65 4.66
CA ARG C 85 27.26 20.78 3.79
C ARG C 85 27.92 22.03 4.30
N ALA C 86 28.06 22.17 5.62
CA ALA C 86 28.77 23.32 6.18
C ALA C 86 30.22 23.30 5.64
N ILE C 87 30.85 22.09 5.66
CA ILE C 87 32.20 21.90 5.15
C ILE C 87 32.23 22.19 3.67
N TYR C 88 31.26 21.66 2.91
CA TYR C 88 31.13 21.86 1.47
C TYR C 88 31.05 23.36 1.15
N ASP C 89 30.12 24.07 1.80
CA ASP C 89 29.90 25.49 1.59
C ASP C 89 31.13 26.36 1.80
N GLU C 90 31.81 26.20 2.96
CA GLU C 90 32.98 27.01 3.28
C GLU C 90 34.16 26.75 2.33
N THR C 91 34.16 25.57 1.70
CA THR C 91 35.15 25.10 0.75
C THR C 91 34.74 25.45 -0.70
N GLN C 92 33.61 26.19 -0.87
CA GLN C 92 33.04 26.54 -2.18
C GLN C 92 32.91 25.24 -3.02
N GLY C 93 32.39 24.21 -2.38
CA GLY C 93 32.20 22.90 -2.98
C GLY C 93 33.43 22.14 -3.40
N ARG C 94 34.64 22.63 -3.06
CA ARG C 94 35.89 21.98 -3.48
C ARG C 94 36.23 20.69 -2.73
N GLN C 95 35.81 20.58 -1.45
CA GLN C 95 36.07 19.42 -0.59
C GLN C 95 34.98 18.39 -0.74
N GLN C 96 35.35 17.12 -1.02
CA GLN C 96 34.36 16.04 -1.10
C GLN C 96 33.94 15.67 0.32
N VAL C 97 32.64 15.49 0.56
CA VAL C 97 32.09 15.13 1.86
C VAL C 97 31.14 13.91 1.79
N LEU C 98 30.87 13.28 2.94
CA LEU C 98 29.97 12.14 3.00
C LEU C 98 29.32 12.06 4.38
N PRO C 99 28.04 12.49 4.50
CA PRO C 99 27.36 12.40 5.80
C PRO C 99 26.78 11.01 6.03
N LEU C 100 27.01 10.45 7.23
CA LEU C 100 26.50 9.12 7.56
C LEU C 100 24.97 9.06 7.67
N ASP C 101 24.33 10.23 7.89
CA ASP C 101 22.87 10.33 7.92
C ASP C 101 22.25 10.25 6.51
N SER C 102 23.12 10.20 5.51
CA SER C 102 22.71 10.10 4.11
C SER C 102 22.96 8.71 3.57
N ILE C 103 23.33 7.80 4.46
CA ILE C 103 23.61 6.42 4.07
C ILE C 103 22.44 5.59 4.55
N TYR C 104 21.87 4.80 3.66
CA TYR C 104 20.73 3.98 4.03
C TYR C 104 21.15 2.61 4.46
N ARG C 105 20.98 2.32 5.74
CA ARG C 105 21.32 1.02 6.29
C ARG C 105 20.29 0.05 5.77
N LYS C 106 20.68 -1.19 5.54
CA LYS C 106 19.75 -2.15 4.98
C LYS C 106 18.53 -2.37 5.86
N THR C 107 17.39 -2.55 5.21
CA THR C 107 16.12 -2.76 5.88
C THR C 107 16.05 -4.02 6.72
N LEU C 108 16.60 -5.11 6.21
CA LEU C 108 16.57 -6.37 6.93
C LEU C 108 17.74 -6.48 7.90
N PRO C 109 17.44 -6.86 9.14
CA PRO C 109 18.55 -7.01 10.09
C PRO C 109 19.69 -7.82 9.44
N ASP C 110 20.93 -7.35 9.62
CA ASP C 110 22.16 -7.89 9.05
C ASP C 110 22.23 -9.42 9.05
N TRP C 111 21.71 -10.05 10.11
CA TRP C 111 21.68 -11.50 10.26
C TRP C 111 20.61 -12.20 9.40
N LYS C 112 19.49 -11.53 9.10
CA LYS C 112 18.43 -12.11 8.27
C LYS C 112 18.61 -11.67 6.84
N ARG C 113 19.66 -10.89 6.54
CA ARG C 113 19.92 -10.36 5.20
C ARG C 113 20.86 -11.32 4.42
N PRO C 114 20.30 -12.27 3.60
CA PRO C 114 21.16 -13.26 2.93
C PRO C 114 21.85 -12.75 1.69
N LEU C 115 22.81 -13.54 1.14
CA LEU C 115 23.53 -13.18 -0.07
C LEU C 115 22.54 -13.10 -1.24
N PRO C 116 22.78 -12.21 -2.24
CA PRO C 116 21.80 -12.00 -3.31
C PRO C 116 21.42 -13.22 -4.16
N HIS C 117 22.22 -14.33 -4.11
CA HIS C 117 21.88 -15.53 -4.88
C HIS C 117 20.74 -16.33 -4.28
N PHE C 118 20.18 -15.85 -3.15
CA PHE C 118 19.02 -16.46 -2.50
C PHE C 118 17.83 -15.59 -2.85
N ARG C 119 16.91 -16.10 -3.74
CA ARG C 119 15.74 -15.30 -4.10
C ARG C 119 14.70 -15.39 -2.98
N ASN C 120 14.09 -16.59 -2.79
CA ASN C 120 13.16 -16.75 -1.68
C ASN C 120 13.94 -17.38 -0.51
N GLY C 121 13.47 -18.51 0.00
CA GLY C 121 14.19 -19.23 1.03
C GLY C 121 15.24 -20.07 0.32
N LYS C 122 14.90 -20.43 -0.93
CA LYS C 122 15.70 -21.24 -1.85
C LYS C 122 16.73 -20.37 -2.59
N LEU C 123 17.81 -21.04 -3.08
CA LEU C 123 18.83 -20.38 -3.88
C LEU C 123 18.34 -20.29 -5.31
N HIS C 124 18.46 -19.09 -5.89
CA HIS C 124 18.06 -18.83 -7.26
C HIS C 124 19.05 -19.49 -8.21
N PHE C 125 20.36 -19.36 -7.90
CA PHE C 125 21.45 -19.93 -8.71
C PHE C 125 22.60 -20.50 -7.86
N LYS C 126 23.50 -21.29 -8.49
CA LYS C 126 24.66 -21.86 -7.82
C LYS C 126 25.91 -20.98 -8.05
N PRO C 127 26.47 -20.36 -6.98
CA PRO C 127 27.63 -19.49 -7.18
C PRO C 127 28.98 -20.20 -7.12
N PHE C 128 30.03 -19.51 -7.57
CA PHE C 128 31.40 -20.03 -7.48
C PHE C 128 32.22 -19.09 -6.59
N GLY C 129 33.38 -19.57 -6.17
CA GLY C 129 34.35 -18.80 -5.39
C GLY C 129 33.91 -18.39 -4.01
N ASN C 130 33.05 -19.20 -3.39
CA ASN C 130 32.54 -19.00 -2.03
C ASN C 130 32.25 -17.52 -1.68
N PRO C 131 31.12 -16.94 -2.22
CA PRO C 131 30.77 -15.57 -1.87
C PRO C 131 30.42 -15.47 -0.39
N VAL C 132 30.80 -14.37 0.24
CA VAL C 132 30.60 -14.08 1.66
C VAL C 132 30.61 -12.56 1.88
N PHE C 133 29.67 -12.04 2.70
CA PHE C 133 29.63 -10.62 2.98
C PHE C 133 30.92 -10.20 3.64
N ALA C 134 31.54 -9.13 3.10
CA ALA C 134 32.82 -8.61 3.58
C ALA C 134 32.77 -8.39 5.07
N ARG C 135 31.67 -7.77 5.56
CA ARG C 135 31.40 -7.48 6.97
C ARG C 135 31.46 -8.73 7.83
N ASP C 136 30.93 -9.87 7.32
CA ASP C 136 30.91 -11.13 8.04
C ASP C 136 32.29 -11.72 8.33
N LEU C 137 33.36 -11.14 7.74
CA LEU C 137 34.72 -11.59 7.99
C LEU C 137 35.42 -10.84 9.12
N LEU C 138 34.85 -9.69 9.52
CA LEU C 138 35.39 -8.84 10.58
C LEU C 138 34.89 -9.27 11.94
N THR C 139 35.78 -9.23 12.93
CA THR C 139 35.47 -9.55 14.32
C THR C 139 36.07 -8.43 15.16
N PHE C 140 35.26 -7.41 15.50
CA PHE C 140 35.73 -6.22 16.21
C PHE C 140 36.01 -6.45 17.67
N PRO C 141 37.27 -6.26 18.13
CA PRO C 141 37.57 -6.42 19.56
C PRO C 141 36.95 -5.32 20.43
N ASP C 142 36.86 -5.57 21.75
CA ASP C 142 36.28 -4.67 22.75
C ASP C 142 36.84 -3.20 22.75
N ASN C 143 38.13 -3.02 22.41
CA ASN C 143 38.78 -1.70 22.35
C ASN C 143 38.19 -0.77 21.26
N ILE C 144 37.82 -1.34 20.11
CA ILE C 144 37.23 -0.58 19.00
C ILE C 144 35.85 -1.13 18.57
N GLU C 145 35.05 -1.67 19.53
CA GLU C 145 33.72 -2.19 19.19
C GLU C 145 32.72 -1.07 18.88
N HIS C 146 33.16 0.18 19.05
CA HIS C 146 32.36 1.35 18.72
C HIS C 146 32.46 1.70 17.22
N CYS C 147 33.33 0.98 16.47
CA CYS C 147 33.56 1.18 15.03
C CYS C 147 32.65 0.30 14.21
N GLU C 148 32.31 -0.87 14.75
CA GLU C 148 31.47 -1.90 14.16
C GLU C 148 30.32 -1.38 13.30
N THR C 149 29.63 -0.32 13.76
CA THR C 149 28.45 0.23 13.09
C THR C 149 28.82 1.06 11.88
N VAL C 150 29.67 2.09 12.06
CA VAL C 150 30.10 2.97 10.96
C VAL C 150 30.85 2.21 9.87
N PHE C 151 31.71 1.30 10.30
CA PHE C 151 32.49 0.44 9.43
C PHE C 151 31.48 -0.33 8.58
N GLY C 152 30.54 -0.99 9.25
CA GLY C 152 29.46 -1.73 8.63
C GLY C 152 28.77 -0.92 7.55
N LEU C 154 29.71 1.84 5.94
CA LEU C 154 30.66 2.15 4.89
C LEU C 154 31.03 0.93 4.01
N LEU C 155 31.14 -0.27 4.60
CA LEU C 155 31.41 -1.50 3.85
C LEU C 155 30.12 -1.90 3.13
N GLY C 156 29.04 -1.96 3.88
CA GLY C 156 27.73 -2.36 3.40
C GLY C 156 27.63 -3.80 2.94
N ASP C 157 26.82 -4.01 1.90
CA ASP C 157 26.59 -5.33 1.33
C ASP C 157 27.73 -5.85 0.39
N THR C 158 28.95 -5.27 0.47
CA THR C 158 30.10 -5.70 -0.33
C THR C 158 30.32 -7.21 -0.09
N ILE C 159 30.57 -7.95 -1.20
CA ILE C 159 30.78 -9.39 -1.18
C ILE C 159 32.20 -9.74 -1.64
N ILE C 160 32.81 -10.71 -0.96
CA ILE C 160 34.13 -11.20 -1.27
C ILE C 160 33.99 -12.57 -1.90
N LEU C 161 34.45 -12.71 -3.17
CA LEU C 161 34.51 -13.97 -3.89
C LEU C 161 36.00 -14.32 -4.02
N ASP C 162 36.34 -15.57 -4.36
CA ASP C 162 37.72 -16.04 -4.47
C ASP C 162 38.51 -15.43 -5.62
N ASN C 163 37.89 -15.34 -6.80
CA ASN C 163 38.56 -14.86 -8.03
C ASN C 163 37.63 -14.05 -8.94
N LEU C 164 38.21 -13.44 -10.00
CA LEU C 164 37.43 -12.65 -10.93
C LEU C 164 36.41 -13.46 -11.70
N ASP C 165 36.79 -14.69 -12.14
CA ASP C 165 35.91 -15.61 -12.87
C ASP C 165 34.63 -15.87 -12.06
N ALA C 166 34.78 -16.05 -10.73
CA ALA C 166 33.68 -16.27 -9.79
C ALA C 166 32.78 -15.04 -9.69
N ALA C 167 33.40 -13.87 -9.49
CA ALA C 167 32.73 -12.58 -9.35
C ALA C 167 32.02 -12.16 -10.61
N ASN C 168 32.64 -12.38 -11.78
CA ASN C 168 32.02 -12.05 -13.06
C ASN C 168 30.73 -12.80 -13.20
N HIS C 169 30.79 -14.10 -12.87
CA HIS C 169 29.66 -15.01 -12.93
C HIS C 169 28.60 -14.58 -11.96
N TYR C 170 29.01 -14.34 -10.69
CA TYR C 170 28.11 -13.94 -9.62
C TYR C 170 27.30 -12.75 -10.02
N ARG C 171 27.98 -11.68 -10.49
CA ARG C 171 27.30 -10.47 -10.91
C ARG C 171 26.34 -10.70 -12.07
N LYS C 172 26.78 -11.43 -13.11
CA LYS C 172 25.95 -11.70 -14.29
C LYS C 172 24.61 -12.27 -13.89
N GLU C 173 24.63 -13.22 -12.94
CA GLU C 173 23.45 -13.92 -12.43
C GLU C 173 22.64 -13.11 -11.45
N VAL C 174 23.28 -12.48 -10.45
CA VAL C 174 22.62 -11.67 -9.43
C VAL C 174 21.74 -10.62 -10.08
N VAL C 175 22.31 -9.89 -11.04
CA VAL C 175 21.70 -8.80 -11.80
C VAL C 175 20.46 -9.27 -12.63
N LYS C 176 20.28 -10.60 -12.82
CA LYS C 176 19.10 -11.14 -13.52
C LYS C 176 17.86 -11.01 -12.65
N ILE C 177 18.05 -10.94 -11.31
CA ILE C 177 16.95 -10.88 -10.35
C ILE C 177 16.96 -9.66 -9.47
N THR C 178 18.14 -9.10 -9.14
CA THR C 178 18.23 -7.93 -8.24
C THR C 178 19.49 -7.07 -8.46
N HIS C 179 19.63 -6.00 -7.67
CA HIS C 179 20.79 -5.10 -7.65
C HIS C 179 21.98 -5.88 -7.13
N CYS C 180 23.18 -5.58 -7.65
CA CYS C 180 24.38 -6.28 -7.18
C CYS C 180 25.33 -5.32 -6.49
N PRO C 181 25.76 -5.67 -5.25
CA PRO C 181 26.71 -4.80 -4.54
C PRO C 181 28.13 -4.88 -5.09
N THR C 182 29.04 -4.21 -4.39
CA THR C 182 30.46 -4.19 -4.76
C THR C 182 31.05 -5.56 -4.62
N LEU C 183 31.76 -6.06 -5.64
CA LEU C 183 32.35 -7.38 -5.50
C LEU C 183 33.85 -7.26 -5.37
N LEU C 184 34.42 -7.97 -4.43
CA LEU C 184 35.86 -7.94 -4.24
C LEU C 184 36.37 -9.36 -4.32
N THR C 185 37.42 -9.59 -5.10
CA THR C 185 38.02 -10.93 -5.25
C THR C 185 39.23 -11.02 -4.32
N ARG C 186 39.44 -12.19 -3.71
CA ARG C 186 40.57 -12.44 -2.82
C ARG C 186 41.91 -12.22 -3.55
N ASP C 187 41.85 -12.07 -4.91
CA ASP C 187 43.02 -11.79 -5.75
C ASP C 187 43.30 -10.28 -5.83
N GLY C 188 42.47 -9.50 -5.15
CA GLY C 188 42.61 -8.05 -5.06
C GLY C 188 41.91 -7.25 -6.13
N ASP C 189 40.82 -7.79 -6.66
CA ASP C 189 40.07 -7.14 -7.71
C ASP C 189 38.76 -6.57 -7.25
N ARG C 190 38.36 -5.45 -7.83
CA ARG C 190 37.07 -4.85 -7.51
C ARG C 190 36.20 -4.76 -8.75
N ILE C 191 34.93 -5.11 -8.57
CA ILE C 191 33.89 -4.93 -9.56
C ILE C 191 32.91 -3.98 -8.87
N ARG C 192 32.95 -2.71 -9.31
CA ARG C 192 32.10 -1.66 -8.78
C ARG C 192 30.63 -2.04 -8.91
N SER C 193 29.83 -1.58 -7.95
CA SER C 193 28.38 -1.80 -7.88
C SER C 193 27.64 -1.40 -9.17
N ASN C 194 28.23 -0.51 -10.01
CA ASN C 194 27.67 -0.07 -11.30
C ASN C 194 28.03 -1.02 -12.45
N GLY C 195 28.81 -2.05 -12.14
CA GLY C 195 29.24 -3.06 -13.11
C GLY C 195 30.64 -2.91 -13.64
N LYS C 196 31.23 -1.71 -13.47
CA LYS C 196 32.57 -1.36 -13.93
C LYS C 196 33.64 -2.15 -13.20
N PHE C 197 34.52 -2.78 -13.96
CA PHE C 197 35.67 -3.50 -13.44
C PHE C 197 36.82 -3.26 -14.41
N GLY C 198 38.04 -3.49 -13.97
CA GLY C 198 39.16 -3.16 -14.83
C GLY C 198 39.75 -1.81 -14.50
N GLY C 199 40.99 -1.61 -14.94
CA GLY C 199 41.76 -0.42 -14.66
C GLY C 199 42.56 -0.60 -13.38
N LEU C 200 43.64 0.20 -13.23
CA LEU C 200 44.48 0.10 -12.02
C LEU C 200 43.74 0.64 -10.79
N GLN C 201 42.70 1.45 -11.03
CA GLN C 201 41.80 2.01 -10.03
C GLN C 201 41.12 0.89 -9.25
N ASN C 202 40.89 -0.27 -9.91
CA ASN C 202 40.16 -1.41 -9.33
C ASN C 202 41.01 -2.62 -9.00
N LYS C 203 42.29 -2.42 -8.68
CA LYS C 203 43.19 -3.49 -8.27
C LYS C 203 44.04 -3.06 -7.10
N ALA C 204 44.00 -3.87 -6.03
CA ALA C 204 44.74 -3.68 -4.79
C ALA C 204 46.23 -3.92 -5.04
N PRO C 205 47.13 -3.14 -4.38
CA PRO C 205 48.57 -3.32 -4.61
C PRO C 205 49.11 -4.68 -4.17
N PRO C 206 50.15 -5.22 -4.88
CA PRO C 206 50.69 -6.57 -4.61
C PRO C 206 50.58 -7.13 -3.18
N LEU D 33 21.07 -2.59 -33.61
CA LEU D 33 21.70 -2.48 -32.29
C LEU D 33 22.51 -1.18 -32.02
N CYS D 34 22.59 -0.75 -30.74
CA CYS D 34 23.39 0.41 -30.39
C CYS D 34 24.76 -0.06 -29.99
N THR D 35 25.72 0.17 -30.88
CA THR D 35 27.11 -0.18 -30.67
C THR D 35 27.92 1.11 -30.54
N LEU D 36 27.18 2.23 -30.48
CA LEU D 36 27.70 3.58 -30.34
C LEU D 36 28.62 3.71 -29.12
N PRO D 37 28.19 3.42 -27.85
CA PRO D 37 29.15 3.53 -26.73
C PRO D 37 30.07 2.29 -26.60
N ASN D 38 29.81 1.29 -27.46
CA ASN D 38 30.52 0.03 -27.48
C ASN D 38 31.90 0.12 -28.10
N TYR D 39 32.84 -0.66 -27.52
CA TYR D 39 34.23 -0.94 -27.91
C TYR D 39 35.05 0.32 -28.17
N THR D 40 34.87 1.32 -27.27
CA THR D 40 35.55 2.63 -27.27
C THR D 40 35.80 3.05 -25.83
N LYS D 41 37.01 3.59 -25.56
CA LYS D 41 37.42 4.08 -24.24
C LYS D 41 36.56 5.31 -23.89
N ARG D 42 36.38 6.20 -24.90
CA ARG D 42 35.61 7.45 -24.87
C ARG D 42 34.08 7.18 -24.98
N SER D 43 33.57 6.16 -24.25
CA SER D 43 32.15 5.86 -24.28
C SER D 43 31.33 6.98 -23.65
N GLY D 44 31.92 7.73 -22.71
CA GLY D 44 31.29 8.87 -22.05
C GLY D 44 30.97 9.98 -23.03
N ASP D 45 31.95 10.31 -23.90
CA ASP D 45 31.80 11.34 -24.94
C ASP D 45 30.64 11.02 -25.86
N ILE D 46 30.53 9.75 -26.29
CA ILE D 46 29.47 9.26 -27.16
C ILE D 46 28.08 9.42 -26.49
N LEU D 47 27.95 8.98 -25.22
CA LEU D 47 26.73 9.11 -24.41
C LEU D 47 26.35 10.58 -24.15
N GLY D 48 27.33 11.40 -23.79
CA GLY D 48 27.16 12.83 -23.58
C GLY D 48 26.65 13.52 -24.83
N LYS D 49 27.10 13.06 -26.02
CA LYS D 49 26.70 13.58 -27.31
C LYS D 49 25.27 13.21 -27.66
N ILE D 50 24.89 11.92 -27.49
CA ILE D 50 23.52 11.49 -27.82
C ILE D 50 22.52 11.87 -26.71
N ALA D 51 23.00 12.44 -25.58
CA ALA D 51 22.15 12.98 -24.52
C ALA D 51 21.55 14.30 -25.03
N HIS D 52 22.37 15.11 -25.74
CA HIS D 52 21.99 16.38 -26.34
C HIS D 52 21.10 16.20 -27.57
N LEU D 53 20.97 14.94 -28.05
CA LEU D 53 20.12 14.56 -29.17
C LEU D 53 18.68 14.31 -28.71
N ALA D 54 18.51 13.63 -27.55
CA ALA D 54 17.20 13.36 -26.93
C ALA D 54 16.64 14.69 -26.40
N GLN D 55 15.54 15.15 -27.02
CA GLN D 55 14.90 16.44 -26.74
C GLN D 55 14.53 16.66 -25.26
N ILE D 56 15.44 17.30 -24.51
CA ILE D 56 15.24 17.66 -23.10
C ILE D 56 14.88 19.15 -23.10
N GLU D 57 13.68 19.48 -22.60
CA GLU D 57 13.13 20.85 -22.55
C GLU D 57 14.03 21.82 -21.77
N ASP D 58 14.62 21.37 -20.64
CA ASP D 58 15.50 22.21 -19.82
C ASP D 58 16.96 22.06 -20.24
N ASP D 59 17.56 23.15 -20.72
CA ASP D 59 18.96 23.21 -21.17
C ASP D 59 19.94 23.03 -19.99
N ARG D 60 19.47 23.32 -18.76
CA ARG D 60 20.23 23.14 -17.52
C ARG D 60 20.27 21.63 -17.23
N ALA D 61 19.10 20.97 -17.24
CA ALA D 61 18.94 19.52 -17.02
C ALA D 61 19.68 18.72 -18.07
N ALA D 62 19.70 19.20 -19.32
CA ALA D 62 20.39 18.55 -20.42
C ALA D 62 21.89 18.55 -20.17
N VAL D 64 23.57 18.80 -17.19
CA VAL D 64 23.89 17.92 -16.08
C VAL D 64 23.84 16.46 -16.46
N ILE D 65 22.76 16.03 -17.15
CA ILE D 65 22.59 14.64 -17.58
C ILE D 65 23.75 14.22 -18.52
N SER D 66 24.04 15.10 -19.50
CA SER D 66 25.14 14.92 -20.46
C SER D 66 26.50 14.81 -19.71
N TRP D 67 26.83 15.81 -18.86
CA TRP D 67 28.05 15.82 -18.06
C TRP D 67 28.18 14.57 -17.17
N HIS D 68 27.08 14.18 -16.52
CA HIS D 68 27.06 13.03 -15.63
C HIS D 68 27.50 11.78 -16.35
N LEU D 69 26.94 11.51 -17.56
CA LEU D 69 27.31 10.33 -18.32
C LEU D 69 28.72 10.44 -18.89
N ALA D 70 29.06 11.63 -19.40
CA ALA D 70 30.38 11.93 -19.96
C ALA D 70 31.50 11.75 -18.95
N SER D 71 31.29 12.17 -17.68
CA SER D 71 32.32 12.06 -16.65
C SER D 71 32.59 10.61 -16.35
N ASP D 72 31.50 9.89 -15.98
CA ASP D 72 31.49 8.49 -15.57
C ASP D 72 32.30 7.54 -16.48
N ASP D 74 34.99 6.33 -18.90
CA ASP D 74 36.37 6.42 -19.40
C ASP D 74 36.87 4.96 -19.59
N CYS D 75 35.84 4.06 -19.59
CA CYS D 75 35.81 2.61 -19.76
C CYS D 75 35.21 2.22 -21.12
N VAL D 76 35.49 1.00 -21.54
CA VAL D 76 35.02 0.38 -22.77
C VAL D 76 33.71 -0.33 -22.45
N VAL D 77 32.63 0.00 -23.16
CA VAL D 77 31.32 -0.64 -22.92
C VAL D 77 31.11 -1.79 -23.88
N THR D 78 30.83 -2.99 -23.35
CA THR D 78 30.54 -4.15 -24.19
C THR D 78 29.13 -4.63 -23.88
N LEU D 79 28.56 -5.44 -24.79
CA LEU D 79 27.24 -6.02 -24.59
C LEU D 79 27.30 -7.12 -23.53
N THR D 80 28.31 -8.00 -23.64
CA THR D 80 28.51 -9.14 -22.75
C THR D 80 29.79 -9.15 -21.97
N THR D 81 29.73 -9.83 -20.82
CA THR D 81 30.85 -10.04 -19.90
C THR D 81 32.01 -10.73 -20.64
N ASP D 82 31.68 -11.72 -21.51
CA ASP D 82 32.69 -12.45 -22.25
C ASP D 82 33.65 -11.53 -23.01
N ALA D 83 33.11 -10.53 -23.72
CA ALA D 83 33.92 -9.54 -24.45
C ALA D 83 34.61 -8.54 -23.52
N ALA D 84 33.89 -8.10 -22.45
CA ALA D 84 34.44 -7.18 -21.46
C ALA D 84 35.65 -7.83 -20.83
N ARG D 85 35.55 -9.12 -20.44
CA ARG D 85 36.72 -9.73 -19.83
C ARG D 85 37.80 -10.03 -20.81
N ALA D 86 37.44 -10.34 -22.08
CA ALA D 86 38.45 -10.59 -23.11
C ALA D 86 39.31 -9.33 -23.27
N ILE D 87 38.66 -8.14 -23.27
CA ILE D 87 39.35 -6.86 -23.34
C ILE D 87 40.23 -6.66 -22.11
N TYR D 88 39.65 -6.77 -20.91
CA TYR D 88 40.33 -6.68 -19.62
C TYR D 88 41.62 -7.52 -19.67
N ASP D 89 41.45 -8.83 -19.89
CA ASP D 89 42.50 -9.84 -19.97
C ASP D 89 43.61 -9.50 -20.92
N GLU D 90 43.29 -9.07 -22.16
CA GLU D 90 44.32 -8.75 -23.13
C GLU D 90 45.15 -7.52 -22.69
N THR D 91 44.57 -6.63 -21.85
CA THR D 91 45.20 -5.41 -21.31
C THR D 91 45.73 -5.66 -19.89
N GLN D 92 45.83 -6.93 -19.45
CA GLN D 92 46.31 -7.32 -18.09
C GLN D 92 45.58 -6.48 -17.02
N GLY D 93 44.27 -6.38 -17.18
CA GLY D 93 43.39 -5.64 -16.30
C GLY D 93 43.62 -4.15 -16.23
N ARG D 94 44.42 -3.58 -17.15
CA ARG D 94 44.69 -2.13 -17.13
C ARG D 94 43.55 -1.32 -17.72
N GLN D 95 42.77 -1.90 -18.67
CA GLN D 95 41.62 -1.21 -19.28
C GLN D 95 40.34 -1.38 -18.47
N GLN D 96 39.66 -0.27 -18.12
CA GLN D 96 38.37 -0.36 -17.42
C GLN D 96 37.28 -0.76 -18.43
N VAL D 97 36.43 -1.72 -18.05
CA VAL D 97 35.35 -2.24 -18.90
C VAL D 97 33.99 -2.23 -18.18
N LEU D 98 32.90 -2.31 -18.96
CA LEU D 98 31.56 -2.35 -18.41
C LEU D 98 30.63 -3.12 -19.31
N PRO D 99 30.30 -4.39 -18.97
CA PRO D 99 29.38 -5.16 -19.81
C PRO D 99 27.93 -4.84 -19.46
N LEU D 100 27.09 -4.63 -20.49
CA LEU D 100 25.69 -4.28 -20.24
C LEU D 100 24.87 -5.44 -19.72
N ASP D 101 25.39 -6.68 -19.89
CA ASP D 101 24.77 -7.88 -19.35
C ASP D 101 24.98 -8.00 -17.82
N SER D 102 25.72 -7.04 -17.23
CA SER D 102 25.98 -6.99 -15.79
C SER D 102 25.34 -5.73 -15.17
N ILE D 103 24.35 -5.17 -15.85
CA ILE D 103 23.59 -4.00 -15.42
C ILE D 103 22.16 -4.46 -15.18
N TYR D 104 21.62 -4.15 -13.98
CA TYR D 104 20.27 -4.49 -13.57
C TYR D 104 19.30 -3.65 -14.36
N ARG D 105 18.63 -4.31 -15.30
CA ARG D 105 17.62 -3.72 -16.15
C ARG D 105 16.35 -3.81 -15.31
N LYS D 106 15.59 -2.70 -15.19
CA LYS D 106 14.36 -2.68 -14.39
C LYS D 106 13.26 -3.61 -14.92
N THR D 107 12.48 -4.18 -13.97
CA THR D 107 11.35 -5.08 -14.22
C THR D 107 10.25 -4.33 -14.99
N LEU D 108 9.53 -5.05 -15.88
CA LEU D 108 8.48 -4.59 -16.79
C LEU D 108 7.58 -3.37 -16.33
N PRO D 109 7.01 -3.25 -15.09
CA PRO D 109 6.12 -2.09 -14.82
C PRO D 109 6.85 -0.78 -14.49
N ASP D 110 6.34 0.32 -15.08
CA ASP D 110 6.83 1.70 -14.93
C ASP D 110 6.06 2.44 -13.84
N TRP D 111 4.73 2.22 -13.78
CA TRP D 111 3.81 2.80 -12.80
C TRP D 111 4.06 2.20 -11.40
N LYS D 112 4.77 1.04 -11.37
CA LYS D 112 5.17 0.35 -10.15
C LYS D 112 6.53 0.85 -9.66
N ARG D 113 7.26 1.64 -10.50
CA ARG D 113 8.55 2.27 -10.10
C ARG D 113 8.41 3.83 -10.02
N PRO D 114 7.70 4.36 -8.98
CA PRO D 114 7.62 5.82 -8.79
C PRO D 114 8.87 6.36 -8.09
N LEU D 115 8.96 7.70 -7.89
CA LEU D 115 10.11 8.30 -7.20
C LEU D 115 10.18 7.76 -5.76
N PRO D 116 11.41 7.65 -5.18
CA PRO D 116 11.54 7.03 -3.86
C PRO D 116 10.79 7.65 -2.69
N HIS D 117 10.32 8.91 -2.81
CA HIS D 117 9.55 9.56 -1.73
C HIS D 117 8.12 9.02 -1.60
N PHE D 118 7.76 8.05 -2.46
CA PHE D 118 6.46 7.39 -2.43
C PHE D 118 6.63 6.05 -1.77
N ARG D 119 5.94 5.89 -0.62
CA ARG D 119 6.00 4.67 0.16
C ARG D 119 4.89 3.68 -0.22
N ASN D 120 3.87 3.51 0.64
CA ASN D 120 2.89 2.48 0.35
C ASN D 120 1.69 3.08 -0.41
N GLY D 121 2.03 3.61 -1.59
CA GLY D 121 1.11 4.24 -2.53
C GLY D 121 0.72 5.65 -2.14
N LYS D 122 1.34 6.14 -1.05
CA LYS D 122 1.11 7.46 -0.49
C LYS D 122 2.48 8.12 -0.33
N LEU D 123 2.55 9.46 -0.41
CA LEU D 123 3.87 10.12 -0.32
C LEU D 123 4.33 10.15 1.12
N HIS D 124 5.52 9.55 1.36
CA HIS D 124 6.18 9.41 2.65
C HIS D 124 6.55 10.76 3.22
N PHE D 125 7.05 11.66 2.36
CA PHE D 125 7.45 13.02 2.74
C PHE D 125 7.24 14.01 1.60
N LYS D 126 7.23 15.34 1.90
CA LYS D 126 7.08 16.36 0.88
C LYS D 126 8.45 16.79 0.40
N PRO D 127 8.80 16.48 -0.87
CA PRO D 127 10.13 16.85 -1.35
C PRO D 127 10.22 18.29 -1.83
N PHE D 128 11.46 18.78 -2.00
CA PHE D 128 11.70 20.11 -2.55
C PHE D 128 12.36 20.00 -3.92
N GLY D 129 12.33 21.09 -4.69
CA GLY D 129 13.03 21.20 -5.96
C GLY D 129 12.59 20.29 -7.07
N ASN D 130 11.30 19.93 -7.06
CA ASN D 130 10.66 19.11 -8.10
C ASN D 130 11.51 17.92 -8.61
N PRO D 131 11.64 16.84 -7.78
CA PRO D 131 12.41 15.67 -8.23
C PRO D 131 11.69 15.02 -9.40
N VAL D 132 12.47 14.47 -10.34
CA VAL D 132 11.99 13.81 -11.56
C VAL D 132 13.08 12.87 -12.08
N PHE D 133 12.68 11.65 -12.53
CA PHE D 133 13.64 10.68 -13.07
C PHE D 133 14.30 11.28 -14.28
N ALA D 134 15.63 11.27 -14.31
CA ALA D 134 16.44 11.84 -15.38
C ALA D 134 15.97 11.33 -16.73
N ARG D 135 15.74 9.99 -16.82
CA ARG D 135 15.24 9.29 -17.99
C ARG D 135 13.93 9.86 -18.52
N ASP D 136 13.03 10.24 -17.61
CA ASP D 136 11.72 10.80 -17.94
C ASP D 136 11.80 12.15 -18.65
N LEU D 137 12.98 12.78 -18.71
CA LEU D 137 13.17 14.05 -19.41
C LEU D 137 13.59 13.88 -20.86
N LEU D 138 14.08 12.67 -21.23
CA LEU D 138 14.55 12.33 -22.57
C LEU D 138 13.40 11.91 -23.47
N THR D 139 13.45 12.35 -24.73
CA THR D 139 12.46 11.99 -25.75
C THR D 139 13.27 11.60 -26.98
N PHE D 140 13.55 10.30 -27.13
CA PHE D 140 14.37 9.78 -28.23
C PHE D 140 13.70 9.82 -29.60
N PRO D 141 14.30 10.56 -30.57
CA PRO D 141 13.72 10.61 -31.93
C PRO D 141 13.80 9.27 -32.66
N ASP D 142 13.00 9.14 -33.74
CA ASP D 142 12.88 7.96 -34.58
C ASP D 142 14.21 7.36 -35.10
N ASN D 143 15.22 8.20 -35.40
CA ASN D 143 16.53 7.78 -35.91
C ASN D 143 17.34 6.89 -34.93
N ILE D 144 17.29 7.18 -33.62
CA ILE D 144 18.06 6.43 -32.61
C ILE D 144 17.19 5.93 -31.45
N GLU D 145 15.98 5.42 -31.76
CA GLU D 145 15.07 4.91 -30.74
C GLU D 145 15.57 3.60 -30.10
N HIS D 146 16.57 2.94 -30.73
CA HIS D 146 17.20 1.71 -30.20
C HIS D 146 18.22 2.02 -29.09
N CYS D 147 18.61 3.30 -28.92
CA CYS D 147 19.54 3.81 -27.90
C CYS D 147 18.83 4.24 -26.61
N GLU D 148 17.49 4.27 -26.64
CA GLU D 148 16.62 4.61 -25.51
C GLU D 148 16.78 3.56 -24.41
N THR D 149 17.01 2.28 -24.81
CA THR D 149 17.19 1.15 -23.89
C THR D 149 18.49 1.27 -23.11
N VAL D 150 19.63 1.34 -23.83
CA VAL D 150 20.99 1.45 -23.25
C VAL D 150 21.10 2.70 -22.34
N PHE D 151 20.41 3.80 -22.72
CA PHE D 151 20.36 5.02 -21.96
C PHE D 151 19.63 4.82 -20.66
N GLY D 152 18.39 4.30 -20.72
CA GLY D 152 17.57 4.00 -19.56
C GLY D 152 18.28 3.11 -18.57
N LEU D 154 22.06 2.78 -18.45
CA LEU D 154 23.22 3.55 -17.99
C LEU D 154 22.87 4.73 -17.10
N LEU D 155 21.77 5.38 -17.42
CA LEU D 155 21.25 6.50 -16.68
C LEU D 155 20.55 6.01 -15.41
N GLY D 156 19.79 4.92 -15.49
CA GLY D 156 19.08 4.31 -14.37
C GLY D 156 18.08 5.18 -13.65
N ASP D 157 18.01 4.96 -12.34
CA ASP D 157 17.11 5.69 -11.46
C ASP D 157 17.62 7.10 -11.06
N THR D 158 18.60 7.70 -11.81
CA THR D 158 19.13 9.05 -11.54
C THR D 158 17.93 9.99 -11.47
N ILE D 159 17.91 10.88 -10.45
CA ILE D 159 16.88 11.87 -10.21
C ILE D 159 17.47 13.27 -10.31
N ILE D 160 16.73 14.17 -10.97
CA ILE D 160 17.12 15.55 -11.15
C ILE D 160 16.25 16.40 -10.24
N LEU D 161 16.90 17.14 -9.33
CA LEU D 161 16.25 18.12 -8.45
C LEU D 161 16.75 19.51 -8.87
N ASP D 162 16.06 20.58 -8.43
CA ASP D 162 16.40 21.96 -8.81
C ASP D 162 17.73 22.46 -8.24
N ASN D 163 18.01 22.15 -6.95
CA ASN D 163 19.21 22.64 -6.25
C ASN D 163 19.77 21.65 -5.24
N LEU D 164 20.97 21.97 -4.70
CA LEU D 164 21.63 21.11 -3.72
C LEU D 164 20.85 21.01 -2.42
N ASP D 165 20.28 22.12 -1.93
CA ASP D 165 19.49 22.17 -0.69
C ASP D 165 18.35 21.15 -0.75
N ALA D 166 17.66 21.15 -1.91
CA ALA D 166 16.54 20.29 -2.25
C ALA D 166 16.99 18.83 -2.22
N ALA D 167 18.14 18.54 -2.88
CA ALA D 167 18.76 17.24 -3.06
C ALA D 167 19.23 16.65 -1.74
N ASN D 168 19.94 17.46 -0.95
CA ASN D 168 20.47 17.06 0.34
C ASN D 168 19.33 16.54 1.22
N HIS D 169 18.23 17.28 1.24
CA HIS D 169 17.06 16.97 2.01
C HIS D 169 16.44 15.71 1.48
N TYR D 170 16.28 15.62 0.14
CA TYR D 170 15.69 14.46 -0.53
C TYR D 170 16.39 13.17 -0.11
N ARG D 171 17.73 13.16 -0.24
CA ARG D 171 18.52 12.02 0.13
C ARG D 171 18.38 11.65 1.60
N LYS D 172 18.46 12.64 2.51
CA LYS D 172 18.36 12.41 3.97
C LYS D 172 17.12 11.62 4.31
N GLU D 173 15.99 12.00 3.68
CA GLU D 173 14.68 11.39 3.88
C GLU D 173 14.50 10.06 3.16
N VAL D 174 14.88 9.99 1.87
CA VAL D 174 14.76 8.78 1.06
C VAL D 174 15.43 7.58 1.77
N VAL D 175 16.68 7.81 2.21
CA VAL D 175 17.55 6.86 2.86
C VAL D 175 16.97 6.34 4.21
N LYS D 176 15.92 7.01 4.76
CA LYS D 176 15.24 6.56 5.99
C LYS D 176 14.39 5.32 5.68
N ILE D 177 14.00 5.14 4.41
CA ILE D 177 13.13 4.02 4.03
C ILE D 177 13.73 3.11 2.94
N THR D 178 14.55 3.67 2.02
CA THR D 178 15.12 2.87 0.92
C THR D 178 16.46 3.41 0.39
N HIS D 179 17.05 2.70 -0.62
CA HIS D 179 18.25 3.08 -1.34
C HIS D 179 17.97 4.38 -2.06
N CYS D 180 18.98 5.27 -2.15
CA CYS D 180 18.81 6.52 -2.89
C CYS D 180 19.71 6.57 -4.09
N PRO D 181 19.14 6.79 -5.29
CA PRO D 181 19.96 6.84 -6.50
C PRO D 181 20.85 8.09 -6.60
N THR D 182 21.56 8.22 -7.74
CA THR D 182 22.39 9.38 -7.99
C THR D 182 21.46 10.56 -8.12
N LEU D 183 21.79 11.65 -7.43
CA LEU D 183 20.99 12.87 -7.51
C LEU D 183 21.78 13.89 -8.25
N LEU D 184 21.14 14.56 -9.21
CA LEU D 184 21.75 15.63 -9.98
C LEU D 184 20.92 16.87 -9.81
N THR D 185 21.60 18.00 -9.58
CA THR D 185 20.90 19.27 -9.43
C THR D 185 20.97 20.03 -10.72
N ARG D 186 19.92 20.81 -11.03
CA ARG D 186 19.85 21.65 -12.23
C ARG D 186 20.94 22.72 -12.21
N ASP D 187 21.61 22.89 -11.04
CA ASP D 187 22.73 23.81 -10.82
C ASP D 187 24.07 23.13 -11.20
N GLY D 188 24.00 21.87 -11.62
CA GLY D 188 25.14 21.11 -12.08
C GLY D 188 25.88 20.34 -11.03
N ASP D 189 25.19 19.93 -9.98
CA ASP D 189 25.78 19.20 -8.87
C ASP D 189 25.41 17.74 -8.86
N ARG D 190 26.34 16.89 -8.42
CA ARG D 190 26.08 15.47 -8.29
C ARG D 190 26.25 15.02 -6.85
N ILE D 191 25.31 14.17 -6.41
CA ILE D 191 25.37 13.47 -5.13
C ILE D 191 25.37 12.01 -5.54
N ARG D 192 26.55 11.39 -5.46
CA ARG D 192 26.73 9.98 -5.79
C ARG D 192 25.82 9.10 -4.97
N SER D 193 25.38 7.97 -5.54
CA SER D 193 24.49 6.98 -4.94
C SER D 193 25.00 6.47 -3.59
N ASN D 194 26.33 6.59 -3.31
CA ASN D 194 26.94 6.19 -2.03
C ASN D 194 26.86 7.29 -0.98
N GLY D 195 26.30 8.44 -1.35
CA GLY D 195 26.14 9.58 -0.47
C GLY D 195 27.17 10.68 -0.63
N LYS D 196 28.28 10.38 -1.31
CA LYS D 196 29.37 11.32 -1.54
C LYS D 196 28.96 12.45 -2.45
N PHE D 197 29.20 13.69 -2.01
CA PHE D 197 28.95 14.89 -2.78
C PHE D 197 30.09 15.85 -2.47
N GLY D 198 30.25 16.86 -3.31
CA GLY D 198 31.37 17.78 -3.13
C GLY D 198 32.56 17.36 -3.95
N GLY D 199 33.49 18.28 -4.11
CA GLY D 199 34.67 18.09 -4.92
C GLY D 199 34.37 18.53 -6.34
N LEU D 200 35.43 18.87 -7.11
CA LEU D 200 35.24 19.32 -8.49
C LEU D 200 34.82 18.16 -9.40
N GLN D 201 35.02 16.92 -8.92
CA GLN D 201 34.64 15.67 -9.55
C GLN D 201 33.14 15.63 -9.71
N ASN D 202 32.40 16.28 -8.80
CA ASN D 202 30.95 16.25 -8.75
C ASN D 202 30.26 17.56 -9.13
N LYS D 203 30.89 18.36 -10.00
CA LYS D 203 30.29 19.58 -10.49
C LYS D 203 30.54 19.72 -11.98
N ALA D 204 29.44 19.92 -12.72
CA ALA D 204 29.43 20.14 -14.17
C ALA D 204 30.06 21.49 -14.52
N PRO D 205 30.84 21.57 -15.62
CA PRO D 205 31.49 22.85 -15.98
C PRO D 205 30.51 23.95 -16.37
N PRO D 206 30.86 25.24 -16.08
CA PRO D 206 29.95 26.39 -16.31
C PRO D 206 28.91 26.31 -17.44
N PRO E 37 -3.52 1.45 46.24
CA PRO E 37 -4.56 1.03 47.24
C PRO E 37 -5.89 1.81 47.14
N ASN E 38 -6.05 2.65 46.07
CA ASN E 38 -7.18 3.54 45.74
C ASN E 38 -8.57 2.86 45.61
N TYR E 39 -9.64 3.55 46.08
CA TYR E 39 -11.00 3.00 45.96
C TYR E 39 -12.03 3.98 45.39
N THR E 40 -12.65 3.58 44.22
CA THR E 40 -13.74 4.26 43.46
C THR E 40 -14.28 3.42 42.31
N LYS E 41 -15.44 3.83 41.75
CA LYS E 41 -16.07 3.21 40.59
C LYS E 41 -15.42 3.73 39.30
N ARG E 42 -15.00 5.00 39.31
CA ARG E 42 -14.31 5.65 38.20
C ARG E 42 -12.78 5.60 38.45
N SER E 43 -12.22 4.37 38.43
CA SER E 43 -10.79 4.11 38.68
C SER E 43 -9.85 4.74 37.63
N GLY E 44 -10.42 5.14 36.50
CA GLY E 44 -9.70 5.76 35.39
C GLY E 44 -9.28 7.18 35.69
N ASP E 45 -10.21 7.96 36.28
CA ASP E 45 -9.98 9.35 36.69
C ASP E 45 -8.79 9.45 37.62
N ILE E 46 -8.74 8.56 38.65
CA ILE E 46 -7.65 8.52 39.63
C ILE E 46 -6.31 8.27 38.95
N LEU E 47 -6.25 7.22 38.07
CA LEU E 47 -5.05 6.83 37.31
C LEU E 47 -4.59 7.93 36.35
N GLY E 48 -5.54 8.52 35.61
CA GLY E 48 -5.28 9.62 34.70
C GLY E 48 -4.68 10.81 35.41
N LYS E 49 -5.11 11.07 36.66
CA LYS E 49 -4.63 12.16 37.50
C LYS E 49 -3.21 11.91 38.00
N ILE E 50 -2.93 10.70 38.54
CA ILE E 50 -1.58 10.39 39.04
C ILE E 50 -0.59 10.07 37.89
N ALA E 51 -1.08 10.00 36.63
CA ALA E 51 -0.23 9.83 35.45
C ALA E 51 0.48 11.16 35.21
N HIS E 52 -0.24 12.29 35.40
CA HIS E 52 0.27 13.65 35.26
C HIS E 52 1.20 14.05 36.42
N LEU E 53 1.25 13.21 37.47
CA LEU E 53 2.13 13.39 38.62
C LEU E 53 3.52 12.79 38.38
N ALA E 54 3.60 11.62 37.69
CA ALA E 54 4.86 10.96 37.31
C ALA E 54 5.50 11.75 36.19
N GLN E 55 6.70 12.25 36.46
CA GLN E 55 7.53 13.09 35.61
C GLN E 55 7.81 12.48 34.19
N ILE E 56 6.91 12.77 33.22
CA ILE E 56 7.07 12.34 31.82
C ILE E 56 7.52 13.57 31.05
N GLU E 57 8.73 13.52 30.47
CA GLU E 57 9.36 14.61 29.71
C GLU E 57 8.50 15.07 28.52
N ASP E 58 7.87 14.12 27.78
CA ASP E 58 7.02 14.46 26.64
C ASP E 58 5.57 14.68 27.07
N ASP E 59 5.07 15.94 26.90
CA ASP E 59 3.69 16.33 27.24
C ASP E 59 2.67 15.68 26.32
N ARG E 60 3.12 15.23 25.14
CA ARG E 60 2.31 14.50 24.17
C ARG E 60 2.10 13.08 24.71
N ALA E 61 3.21 12.39 25.10
CA ALA E 61 3.21 11.04 25.66
C ALA E 61 2.46 10.99 26.97
N ALA E 62 2.55 12.05 27.80
CA ALA E 62 1.85 12.15 29.06
C ALA E 62 0.35 12.16 28.83
N VAL E 64 -1.50 11.01 26.12
CA VAL E 64 -1.98 9.72 25.64
C VAL E 64 -2.01 8.68 26.75
N ILE E 65 -0.89 8.53 27.52
CA ILE E 65 -0.82 7.55 28.62
C ILE E 65 -1.96 7.80 29.63
N SER E 66 -2.14 9.09 30.02
CA SER E 66 -3.21 9.52 30.93
C SER E 66 -4.59 9.16 30.36
N TRP E 67 -4.89 9.59 29.10
CA TRP E 67 -6.14 9.30 28.41
C TRP E 67 -6.41 7.82 28.29
N HIS E 68 -5.39 7.03 27.93
CA HIS E 68 -5.50 5.59 27.76
C HIS E 68 -6.00 4.93 29.02
N LEU E 69 -5.41 5.28 30.18
CA LEU E 69 -5.82 4.71 31.49
C LEU E 69 -7.19 5.23 31.90
N ALA E 70 -7.42 6.53 31.73
CA ALA E 70 -8.68 7.18 32.05
C ALA E 70 -9.86 6.61 31.26
N SER E 71 -9.65 6.30 29.95
CA SER E 71 -10.67 5.76 29.04
C SER E 71 -11.07 4.35 29.41
N ASP E 72 -10.07 3.50 29.69
CA ASP E 72 -10.23 2.10 30.04
C ASP E 72 -11.04 1.84 31.34
N ASP E 74 -13.64 2.34 33.90
CA ASP E 74 -14.98 2.78 34.25
C ASP E 74 -15.56 1.62 35.11
N CYS E 75 -14.58 0.86 35.68
CA CYS E 75 -14.71 -0.30 36.54
C CYS E 75 -14.09 -0.05 37.90
N VAL E 76 -14.49 -0.86 38.89
CA VAL E 76 -14.01 -0.84 40.27
C VAL E 76 -12.76 -1.73 40.31
N VAL E 77 -11.63 -1.17 40.75
CA VAL E 77 -10.38 -1.93 40.81
C VAL E 77 -10.18 -2.44 42.22
N THR E 78 -9.99 -3.76 42.36
CA THR E 78 -9.74 -4.38 43.67
C THR E 78 -8.36 -5.03 43.62
N LEU E 79 -7.78 -5.31 44.79
CA LEU E 79 -6.51 -5.98 44.89
C LEU E 79 -6.69 -7.45 44.55
N THR E 80 -7.75 -8.07 45.10
CA THR E 80 -8.05 -9.50 44.92
C THR E 80 -9.35 -9.84 44.24
N THR E 81 -9.37 -11.01 43.59
CA THR E 81 -10.52 -11.60 42.91
C THR E 81 -11.67 -11.74 43.89
N ASP E 82 -11.36 -12.17 45.13
CA ASP E 82 -12.36 -12.36 46.18
C ASP E 82 -13.25 -11.12 46.33
N ALA E 83 -12.64 -9.91 46.38
CA ALA E 83 -13.33 -8.63 46.51
C ALA E 83 -14.08 -8.27 45.24
N ALA E 84 -13.39 -8.40 44.09
CA ALA E 84 -13.91 -8.15 42.74
C ALA E 84 -15.16 -8.99 42.48
N ARG E 85 -15.14 -10.27 42.88
CA ARG E 85 -16.34 -11.05 42.69
C ARG E 85 -17.40 -10.75 43.73
N ALA E 86 -17.02 -10.39 44.95
CA ALA E 86 -17.99 -10.03 45.96
C ALA E 86 -18.76 -8.82 45.46
N ILE E 87 -18.04 -7.82 44.88
CA ILE E 87 -18.67 -6.63 44.30
C ILE E 87 -19.57 -7.03 43.14
N TYR E 88 -19.05 -7.87 42.24
CA TYR E 88 -19.78 -8.39 41.10
C TYR E 88 -21.12 -9.06 41.53
N ASP E 89 -21.02 -10.02 42.46
CA ASP E 89 -22.14 -10.78 42.97
C ASP E 89 -23.26 -9.93 43.55
N GLU E 90 -22.90 -8.98 44.46
CA GLU E 90 -23.90 -8.12 45.10
C GLU E 90 -24.61 -7.19 44.13
N THR E 91 -23.95 -6.91 43.01
CA THR E 91 -24.42 -6.05 41.94
C THR E 91 -25.15 -6.88 40.85
N GLN E 92 -25.32 -8.21 41.08
CA GLN E 92 -25.93 -9.14 40.11
C GLN E 92 -25.18 -8.99 38.75
N GLY E 93 -23.87 -8.94 38.84
CA GLY E 93 -22.98 -8.77 37.69
C GLY E 93 -23.07 -7.46 36.92
N ARG E 94 -23.83 -6.46 37.43
CA ARG E 94 -24.02 -5.19 36.72
C ARG E 94 -22.82 -4.23 36.79
N GLN E 95 -22.01 -4.30 37.88
CA GLN E 95 -20.82 -3.45 38.07
C GLN E 95 -19.59 -4.11 37.46
N GLN E 96 -18.87 -3.37 36.60
CA GLN E 96 -17.63 -3.92 36.03
C GLN E 96 -16.51 -3.84 37.10
N VAL E 97 -15.73 -4.90 37.24
CA VAL E 97 -14.64 -4.99 38.21
C VAL E 97 -13.31 -5.43 37.56
N LEU E 98 -12.21 -5.23 38.27
CA LEU E 98 -10.90 -5.67 37.77
C LEU E 98 -9.96 -5.93 38.94
N PRO E 99 -9.71 -7.22 39.27
CA PRO E 99 -8.79 -7.52 40.37
C PRO E 99 -7.34 -7.52 39.89
N LEU E 100 -6.45 -6.87 40.64
CA LEU E 100 -5.05 -6.80 40.29
C LEU E 100 -4.34 -8.14 40.42
N ASP E 101 -4.92 -9.07 41.22
CA ASP E 101 -4.36 -10.41 41.37
C ASP E 101 -4.63 -11.29 40.10
N SER E 102 -5.36 -10.72 39.10
CA SER E 102 -5.67 -11.39 37.84
C SER E 102 -4.97 -10.69 36.68
N ILE E 103 -3.90 -9.93 36.98
CA ILE E 103 -3.09 -9.18 36.01
C ILE E 103 -1.71 -9.79 36.03
N TYR E 104 -1.15 -10.10 34.83
CA TYR E 104 0.21 -10.66 34.70
C TYR E 104 1.22 -9.64 35.18
N ARG E 105 1.88 -9.96 36.29
CA ARG E 105 2.90 -9.10 36.86
C ARG E 105 4.24 -9.61 36.37
N LYS E 106 5.11 -8.68 35.94
CA LYS E 106 6.46 -8.97 35.45
C LYS E 106 7.33 -9.60 36.54
N THR E 107 8.10 -10.62 36.14
CA THR E 107 9.01 -11.41 36.97
C THR E 107 10.23 -10.56 37.43
N LEU E 108 11.15 -11.16 38.25
CA LEU E 108 12.36 -10.47 38.75
C LEU E 108 13.24 -9.82 37.62
N PRO E 109 13.45 -10.40 36.39
CA PRO E 109 14.19 -9.63 35.38
C PRO E 109 13.22 -8.71 34.65
N ASP E 110 12.65 -7.75 35.41
CA ASP E 110 11.69 -6.73 34.99
C ASP E 110 12.35 -5.73 34.03
N TRP E 111 13.64 -5.43 34.29
CA TRP E 111 14.53 -4.54 33.55
C TRP E 111 15.15 -5.18 32.30
N LYS E 112 15.25 -6.52 32.31
CA LYS E 112 15.79 -7.35 31.21
C LYS E 112 14.77 -7.63 30.11
N ARG E 113 13.53 -7.09 30.23
CA ARG E 113 12.42 -7.27 29.28
C ARG E 113 12.48 -6.28 28.09
N PRO E 114 12.86 -6.79 26.87
CA PRO E 114 12.97 -5.90 25.71
C PRO E 114 11.71 -5.79 24.86
N LEU E 115 11.69 -4.79 23.96
CA LEU E 115 10.56 -4.56 23.08
C LEU E 115 10.31 -5.77 22.16
N PRO E 116 9.04 -6.02 21.71
CA PRO E 116 8.74 -7.23 20.91
C PRO E 116 9.49 -7.42 19.60
N HIS E 117 10.13 -6.35 19.05
CA HIS E 117 10.89 -6.47 17.80
C HIS E 117 12.23 -7.20 18.00
N PHE E 118 12.53 -7.65 19.23
CA PHE E 118 13.69 -8.44 19.60
C PHE E 118 13.22 -9.85 19.98
N ARG E 119 13.64 -10.88 19.26
CA ARG E 119 13.25 -12.23 19.67
C ARG E 119 14.49 -13.10 19.75
N ASN E 120 14.57 -13.94 20.81
CA ASN E 120 15.68 -14.83 21.15
C ASN E 120 17.05 -14.08 21.17
N GLY E 121 17.01 -12.81 21.57
CA GLY E 121 18.19 -11.94 21.69
C GLY E 121 18.72 -11.40 20.36
N LYS E 122 17.90 -11.52 19.31
CA LYS E 122 18.21 -11.05 17.97
C LYS E 122 17.12 -10.07 17.53
N LEU E 123 17.51 -8.97 16.82
CA LEU E 123 16.60 -7.94 16.31
C LEU E 123 15.84 -8.56 15.12
N HIS E 124 14.51 -8.73 15.27
CA HIS E 124 13.71 -9.33 14.22
C HIS E 124 13.41 -8.37 13.08
N PHE E 125 13.13 -7.09 13.39
CA PHE E 125 12.93 -6.08 12.36
C PHE E 125 13.43 -4.70 12.81
N LYS E 126 13.64 -3.82 11.86
CA LYS E 126 14.09 -2.46 12.15
C LYS E 126 12.81 -1.57 12.30
N PRO E 127 12.47 -1.07 13.52
CA PRO E 127 11.23 -0.30 13.68
C PRO E 127 11.32 1.19 13.31
N PHE E 128 10.17 1.86 13.19
CA PHE E 128 10.08 3.28 12.95
C PHE E 128 9.39 3.95 14.14
N GLY E 129 9.51 5.29 14.20
CA GLY E 129 8.88 6.14 15.20
C GLY E 129 9.27 5.92 16.64
N ASN E 130 10.49 5.44 16.88
CA ASN E 130 11.07 5.18 18.22
C ASN E 130 10.13 4.52 19.24
N PRO E 131 9.87 3.19 19.09
CA PRO E 131 9.01 2.50 20.06
C PRO E 131 9.71 2.45 21.42
N VAL E 132 8.94 2.58 22.49
CA VAL E 132 9.42 2.60 23.88
C VAL E 132 8.26 2.19 24.81
N PHE E 133 8.55 1.34 25.81
CA PHE E 133 7.52 0.92 26.75
C PHE E 133 6.98 2.13 27.47
N ALA E 134 5.65 2.27 27.51
CA ALA E 134 4.93 3.36 28.14
C ALA E 134 5.43 3.58 29.57
N ARG E 135 5.58 2.47 30.33
CA ARG E 135 6.08 2.44 31.70
C ARG E 135 7.46 3.08 31.82
N ASP E 136 8.35 2.81 30.86
CA ASP E 136 9.71 3.35 30.86
C ASP E 136 9.76 4.88 30.74
N LEU E 137 8.60 5.52 30.53
CA LEU E 137 8.43 6.97 30.40
C LEU E 137 8.20 7.61 31.78
N LEU E 138 7.50 6.88 32.66
CA LEU E 138 7.14 7.32 34.01
C LEU E 138 8.35 7.38 34.94
N THR E 139 8.40 8.43 35.78
CA THR E 139 9.42 8.62 36.80
C THR E 139 8.68 9.02 38.08
N PHE E 140 8.32 8.01 38.89
CA PHE E 140 7.57 8.22 40.11
C PHE E 140 8.39 8.83 41.24
N PRO E 141 7.98 10.02 41.73
CA PRO E 141 8.73 10.66 42.84
C PRO E 141 8.64 9.87 44.15
N ASP E 142 9.57 10.17 45.07
CA ASP E 142 9.73 9.55 46.40
C ASP E 142 8.46 9.52 47.27
N ASN E 143 7.57 10.56 47.15
CA ASN E 143 6.32 10.65 47.91
C ASN E 143 5.34 9.48 47.62
N ILE E 144 5.31 8.98 46.36
CA ILE E 144 4.48 7.83 46.03
C ILE E 144 5.25 6.86 45.09
N GLU E 145 6.11 6.04 45.72
CA GLU E 145 6.92 4.99 45.08
C GLU E 145 6.04 3.74 44.91
N HIS E 146 5.03 3.58 45.80
CA HIS E 146 4.09 2.45 45.88
C HIS E 146 3.11 2.36 44.71
N CYS E 147 2.79 3.50 44.05
CA CYS E 147 1.88 3.53 42.91
C CYS E 147 2.55 3.15 41.58
N GLU E 148 3.90 3.07 41.58
CA GLU E 148 4.73 2.69 40.43
C GLU E 148 4.42 1.24 40.03
N THR E 149 4.13 0.38 41.04
CA THR E 149 3.82 -1.03 40.84
C THR E 149 2.50 -1.21 40.12
N VAL E 150 1.39 -0.67 40.69
CA VAL E 150 0.04 -0.75 40.14
C VAL E 150 -0.03 -0.14 38.73
N PHE E 151 0.76 0.92 38.49
CA PHE E 151 0.85 1.58 37.19
C PHE E 151 1.51 0.69 36.17
N GLY E 152 2.69 0.18 36.48
CA GLY E 152 3.45 -0.74 35.64
C GLY E 152 2.66 -1.96 35.27
N LEU E 154 -1.10 -1.98 35.31
CA LEU E 154 -2.22 -1.48 34.53
C LEU E 154 -1.82 -0.99 33.15
N LEU E 155 -0.63 -0.39 33.02
CA LEU E 155 -0.09 0.06 31.74
C LEU E 155 0.40 -1.18 30.99
N GLY E 156 1.20 -2.00 31.66
CA GLY E 156 1.73 -3.23 31.10
C GLY E 156 2.73 -2.99 29.99
N ASP E 157 2.70 -3.89 28.99
CA ASP E 157 3.61 -3.85 27.84
C ASP E 157 3.23 -2.83 26.76
N THR E 158 2.36 -1.83 27.09
CA THR E 158 1.94 -0.75 26.21
C THR E 158 3.18 -0.05 25.66
N ILE E 159 3.22 0.13 24.35
CA ILE E 159 4.30 0.76 23.61
C ILE E 159 3.78 2.04 23.01
N ILE E 160 4.60 3.10 23.11
CA ILE E 160 4.30 4.41 22.61
C ILE E 160 5.27 4.76 21.47
N LEU E 161 4.72 4.78 20.25
CA LEU E 161 5.42 5.13 19.02
C LEU E 161 5.08 6.57 18.67
N ASP E 162 5.84 7.21 17.76
CA ASP E 162 5.67 8.61 17.37
C ASP E 162 4.37 8.91 16.63
N ASN E 163 4.00 8.04 15.66
CA ASN E 163 2.82 8.23 14.80
C ASN E 163 2.10 6.93 14.45
N LEU E 164 0.94 7.06 13.82
CA LEU E 164 0.14 5.90 13.42
C LEU E 164 0.84 5.06 12.37
N ASP E 165 1.50 5.71 11.39
CA ASP E 165 2.21 5.04 10.30
C ASP E 165 3.27 4.09 10.88
N ALA E 166 4.06 4.54 11.87
CA ALA E 166 5.10 3.75 12.52
C ALA E 166 4.51 2.62 13.36
N ALA E 167 3.34 2.88 14.01
CA ALA E 167 2.61 1.93 14.85
C ALA E 167 2.01 0.82 14.00
N ASN E 168 1.34 1.19 12.90
CA ASN E 168 0.70 0.26 11.96
C ASN E 168 1.73 -0.74 11.47
N HIS E 169 2.91 -0.21 11.14
CA HIS E 169 4.04 -0.99 10.65
C HIS E 169 4.52 -1.91 11.73
N TYR E 170 4.71 -1.36 12.96
CA TYR E 170 5.22 -2.08 14.12
C TYR E 170 4.38 -3.31 14.38
N ARG E 171 3.06 -3.10 14.46
CA ARG E 171 2.14 -4.18 14.70
C ARG E 171 2.18 -5.24 13.61
N LYS E 172 2.15 -4.83 12.32
CA LYS E 172 2.16 -5.77 11.20
C LYS E 172 3.34 -6.74 11.30
N GLU E 173 4.52 -6.22 11.68
CA GLU E 173 5.77 -6.98 11.81
C GLU E 173 5.84 -7.79 13.10
N VAL E 174 5.51 -7.17 14.26
CA VAL E 174 5.54 -7.84 15.58
C VAL E 174 4.73 -9.13 15.54
N VAL E 175 3.51 -9.04 15.00
CA VAL E 175 2.51 -10.09 14.88
C VAL E 175 3.01 -11.26 13.97
N LYS E 176 4.11 -11.04 13.20
CA LYS E 176 4.70 -12.12 12.37
C LYS E 176 5.42 -13.14 13.26
N ILE E 177 5.84 -12.71 14.46
CA ILE E 177 6.60 -13.56 15.37
C ILE E 177 5.94 -13.75 16.74
N THR E 178 5.21 -12.74 17.25
CA THR E 178 4.58 -12.83 18.58
C THR E 178 3.31 -11.97 18.72
N HIS E 179 2.69 -11.99 19.91
CA HIS E 179 1.55 -11.17 20.31
C HIS E 179 2.00 -9.72 20.39
N CYS E 180 1.14 -8.78 20.01
CA CYS E 180 1.46 -7.38 20.07
C CYS E 180 0.63 -6.63 21.10
N PRO E 181 1.30 -5.87 21.99
CA PRO E 181 0.56 -5.07 22.98
C PRO E 181 -0.18 -3.87 22.41
N THR E 182 -0.79 -3.09 23.32
CA THR E 182 -1.53 -1.89 22.98
C THR E 182 -0.53 -0.86 22.50
N LEU E 183 -0.75 -0.33 21.31
CA LEU E 183 0.17 0.66 20.78
C LEU E 183 -0.46 2.03 20.86
N LEU E 184 0.26 3.00 21.46
CA LEU E 184 -0.20 4.39 21.59
C LEU E 184 0.71 5.28 20.78
N THR E 185 0.14 6.20 20.03
CA THR E 185 0.96 7.12 19.25
C THR E 185 1.03 8.43 19.99
N ARG E 186 2.17 9.13 19.85
CA ARG E 186 2.35 10.44 20.46
C ARG E 186 1.37 11.49 19.88
N ASP E 187 0.65 11.11 18.79
CA ASP E 187 -0.38 11.92 18.15
C ASP E 187 -1.76 11.68 18.84
N GLY E 188 -1.79 10.80 19.84
CA GLY E 188 -2.99 10.50 20.60
C GLY E 188 -3.86 9.37 20.08
N ASP E 189 -3.23 8.43 19.39
CA ASP E 189 -3.95 7.31 18.80
C ASP E 189 -3.72 6.01 19.54
N ARG E 190 -4.74 5.15 19.59
CA ARG E 190 -4.62 3.85 20.19
C ARG E 190 -4.91 2.76 19.17
N ILE E 191 -4.06 1.74 19.17
CA ILE E 191 -4.24 0.51 18.42
C ILE E 191 -4.33 -0.55 19.52
N ARG E 192 -5.56 -1.00 19.78
CA ARG E 192 -5.85 -1.99 20.80
C ARG E 192 -5.01 -3.25 20.56
N SER E 193 -4.78 -4.02 21.62
CA SER E 193 -4.01 -5.26 21.57
C SER E 193 -4.64 -6.29 20.65
N ASN E 194 -5.96 -6.17 20.33
CA ASN E 194 -6.69 -7.08 19.42
C ASN E 194 -6.56 -6.65 17.98
N GLY E 195 -5.86 -5.54 17.74
CA GLY E 195 -5.60 -5.01 16.41
C GLY E 195 -6.49 -3.89 15.95
N LYS E 196 -7.62 -3.68 16.67
CA LYS E 196 -8.63 -2.66 16.35
C LYS E 196 -8.06 -1.28 16.59
N PHE E 197 -8.20 -0.42 15.59
CA PHE E 197 -7.80 0.99 15.67
C PHE E 197 -8.86 1.78 14.92
N GLY E 198 -8.91 3.08 15.15
CA GLY E 198 -9.97 3.87 14.52
C GLY E 198 -11.18 3.99 15.41
N GLY E 199 -12.04 4.95 15.11
CA GLY E 199 -13.19 5.26 15.95
C GLY E 199 -12.81 6.30 16.98
N LEU E 200 -13.79 7.07 17.50
CA LEU E 200 -13.48 8.10 18.49
C LEU E 200 -13.08 7.50 19.83
N GLN E 201 -13.42 6.23 20.03
CA GLN E 201 -13.09 5.41 21.18
C GLN E 201 -11.58 5.32 21.35
N ASN E 202 -10.82 5.31 20.23
CA ASN E 202 -9.38 5.12 20.21
C ASN E 202 -8.59 6.37 19.81
N LYS E 203 -9.08 7.58 20.18
CA LYS E 203 -8.36 8.83 19.97
C LYS E 203 -8.53 9.75 21.17
N ALA E 204 -7.39 10.18 21.71
CA ALA E 204 -7.29 11.10 22.85
C ALA E 204 -7.77 12.50 22.45
N PRO E 205 -8.44 13.24 23.35
CA PRO E 205 -8.91 14.60 23.00
C PRO E 205 -7.77 15.57 22.69
N PRO E 206 -7.98 16.55 21.77
CA PRO E 206 -6.89 17.49 21.38
C PRO E 206 -6.05 18.06 22.54
N ASP E 208 -4.69 19.63 25.21
CA ASP E 208 -5.15 20.65 26.17
C ASP E 208 -5.33 20.05 27.59
N LYS E 209 -4.86 20.79 28.63
CA LYS E 209 -4.86 20.44 30.07
C LYS E 209 -6.21 19.95 30.64
N LEU F 36 -14.56 -12.03 2.06
CA LEU F 36 -15.96 -11.78 1.72
C LEU F 36 -16.79 -11.23 2.92
N PRO F 37 -16.93 -11.96 4.09
CA PRO F 37 -17.72 -11.42 5.22
C PRO F 37 -17.16 -10.16 5.91
N ASN F 38 -16.18 -9.50 5.25
CA ASN F 38 -15.46 -8.29 5.61
C ASN F 38 -16.13 -7.03 5.01
N TYR F 39 -15.55 -5.84 5.29
CA TYR F 39 -15.90 -4.47 4.82
C TYR F 39 -17.19 -3.85 5.42
N THR F 40 -18.22 -4.65 5.76
CA THR F 40 -19.46 -4.10 6.37
C THR F 40 -19.15 -3.52 7.78
N LYS F 41 -19.82 -2.40 8.16
CA LYS F 41 -19.72 -1.80 9.50
C LYS F 41 -20.31 -2.82 10.52
N ARG F 42 -21.40 -3.51 10.10
CA ARG F 42 -22.08 -4.59 10.84
C ARG F 42 -21.30 -5.90 10.59
N SER F 43 -19.97 -5.91 10.89
CA SER F 43 -19.10 -7.07 10.71
C SER F 43 -19.33 -8.11 11.79
N GLY F 44 -19.74 -7.65 12.98
CA GLY F 44 -20.06 -8.52 14.11
C GLY F 44 -21.24 -9.42 13.84
N ASP F 45 -22.36 -8.80 13.37
CA ASP F 45 -23.62 -9.46 12.99
C ASP F 45 -23.38 -10.63 12.05
N ILE F 46 -22.53 -10.42 11.01
CA ILE F 46 -22.16 -11.42 10.02
C ILE F 46 -21.49 -12.62 10.71
N LEU F 47 -20.49 -12.37 11.59
CA LEU F 47 -19.74 -13.37 12.35
C LEU F 47 -20.63 -14.15 13.30
N GLY F 48 -21.48 -13.43 14.05
CA GLY F 48 -22.45 -14.03 14.95
C GLY F 48 -23.41 -14.96 14.24
N LYS F 49 -23.78 -14.62 12.99
CA LYS F 49 -24.67 -15.41 12.17
C LYS F 49 -23.99 -16.70 11.65
N ILE F 50 -22.76 -16.60 11.11
CA ILE F 50 -22.04 -17.78 10.60
C ILE F 50 -21.45 -18.63 11.75
N ALA F 51 -21.52 -18.14 13.03
CA ALA F 51 -21.11 -18.90 14.21
C ALA F 51 -22.16 -19.99 14.45
N HIS F 52 -23.45 -19.64 14.26
CA HIS F 52 -24.59 -20.55 14.39
C HIS F 52 -24.70 -21.55 13.22
N LEU F 53 -23.87 -21.34 12.17
CA LEU F 53 -23.78 -22.23 11.01
C LEU F 53 -22.82 -23.40 11.28
N ALA F 54 -21.69 -23.14 12.01
CA ALA F 54 -20.70 -24.14 12.43
C ALA F 54 -21.34 -25.06 13.47
N GLN F 55 -21.11 -26.37 13.35
CA GLN F 55 -21.72 -27.35 14.25
C GLN F 55 -21.09 -27.38 15.64
N ILE F 56 -21.66 -26.59 16.57
CA ILE F 56 -21.22 -26.56 17.96
C ILE F 56 -22.24 -27.40 18.73
N GLU F 57 -21.78 -28.52 19.34
CA GLU F 57 -22.63 -29.45 20.08
C GLU F 57 -23.38 -28.77 21.26
N ASP F 58 -22.70 -27.85 21.98
CA ASP F 58 -23.31 -27.15 23.10
C ASP F 58 -23.99 -25.85 22.64
N ASP F 59 -25.34 -25.78 22.80
CA ASP F 59 -26.15 -24.62 22.44
C ASP F 59 -25.86 -23.42 23.33
N ARG F 60 -25.32 -23.66 24.53
CA ARG F 60 -24.90 -22.64 25.48
C ARG F 60 -23.60 -22.02 24.95
N ALA F 61 -22.60 -22.86 24.58
CA ALA F 61 -21.32 -22.45 24.04
C ALA F 61 -21.48 -21.72 22.72
N ALA F 62 -22.46 -22.15 21.91
CA ALA F 62 -22.77 -21.53 20.62
C ALA F 62 -23.24 -20.10 20.83
N VAL F 64 -22.72 -18.00 23.49
CA VAL F 64 -21.62 -17.17 24.00
C VAL F 64 -20.63 -16.80 22.92
N ILE F 65 -20.18 -17.79 22.13
CA ILE F 65 -19.21 -17.54 21.06
C ILE F 65 -19.76 -16.55 20.05
N SER F 66 -21.00 -16.82 19.59
CA SER F 66 -21.78 -15.97 18.69
C SER F 66 -21.82 -14.52 19.25
N TRP F 67 -22.42 -14.33 20.48
CA TRP F 67 -22.54 -13.05 21.20
C TRP F 67 -21.20 -12.32 21.35
N HIS F 68 -20.14 -13.06 21.74
CA HIS F 68 -18.82 -12.49 21.92
C HIS F 68 -18.33 -11.81 20.66
N LEU F 69 -18.45 -12.48 19.49
CA LEU F 69 -18.01 -11.92 18.21
C LEU F 69 -18.92 -10.78 17.77
N ALA F 70 -20.24 -10.96 17.93
CA ALA F 70 -21.25 -9.97 17.60
C ALA F 70 -21.09 -8.67 18.40
N SER F 71 -20.75 -8.78 19.70
CA SER F 71 -20.57 -7.63 20.60
C SER F 71 -19.34 -6.80 20.24
N ASP F 72 -18.23 -7.50 19.99
CA ASP F 72 -16.93 -6.93 19.64
C ASP F 72 -16.91 -6.09 18.33
N ASP F 74 -18.18 -3.77 15.75
CA ASP F 74 -18.98 -2.60 15.40
C ASP F 74 -18.00 -1.79 14.47
N CYS F 75 -16.92 -2.54 14.03
CA CYS F 75 -15.77 -2.18 13.20
C CYS F 75 -15.74 -2.89 11.82
N VAL F 76 -15.07 -2.25 10.83
CA VAL F 76 -14.89 -2.71 9.45
C VAL F 76 -13.66 -3.61 9.39
N VAL F 77 -13.83 -4.86 8.93
CA VAL F 77 -12.71 -5.80 8.85
C VAL F 77 -12.14 -5.81 7.43
N THR F 78 -10.83 -5.60 7.31
CA THR F 78 -10.14 -5.64 6.02
C THR F 78 -9.10 -6.75 6.07
N LEU F 79 -8.63 -7.19 4.90
CA LEU F 79 -7.59 -8.22 4.80
C LEU F 79 -6.24 -7.62 5.19
N THR F 80 -5.94 -6.41 4.68
CA THR F 80 -4.69 -5.72 4.95
C THR F 80 -4.84 -4.37 5.59
N THR F 81 -3.74 -3.94 6.25
CA THR F 81 -3.58 -2.66 6.95
C THR F 81 -3.78 -1.52 5.96
N ASP F 82 -3.24 -1.68 4.72
CA ASP F 82 -3.33 -0.70 3.66
C ASP F 82 -4.76 -0.18 3.51
N ALA F 83 -5.75 -1.11 3.42
CA ALA F 83 -7.16 -0.78 3.27
C ALA F 83 -7.78 -0.34 4.58
N ALA F 84 -7.40 -0.97 5.72
CA ALA F 84 -7.88 -0.56 7.03
C ALA F 84 -7.60 0.93 7.17
N ARG F 85 -6.34 1.35 6.85
CA ARG F 85 -5.94 2.73 6.96
C ARG F 85 -6.50 3.59 5.89
N ALA F 86 -6.78 3.06 4.71
CA ALA F 86 -7.40 3.87 3.68
C ALA F 86 -8.82 4.25 4.15
N ILE F 87 -9.54 3.27 4.75
CA ILE F 87 -10.87 3.50 5.30
C ILE F 87 -10.78 4.48 6.44
N TYR F 88 -9.82 4.26 7.36
CA TYR F 88 -9.55 5.12 8.51
C TYR F 88 -9.34 6.58 8.06
N ASP F 89 -8.40 6.79 7.13
CA ASP F 89 -8.03 8.08 6.59
C ASP F 89 -9.18 8.86 6.00
N GLU F 90 -9.97 8.24 5.10
CA GLU F 90 -11.09 8.93 4.46
C GLU F 90 -12.21 9.31 5.44
N THR F 91 -12.28 8.59 6.55
CA THR F 91 -13.25 8.78 7.61
C THR F 91 -12.69 9.72 8.70
N GLN F 92 -11.47 10.30 8.48
CA GLN F 92 -10.77 11.16 9.45
C GLN F 92 -10.71 10.42 10.81
N GLY F 93 -10.35 9.15 10.74
CA GLY F 93 -10.23 8.26 11.88
C GLY F 93 -11.50 7.97 12.65
N ARG F 94 -12.69 8.38 12.14
CA ARG F 94 -13.97 8.18 12.83
C ARG F 94 -14.49 6.73 12.79
N GLN F 95 -14.16 5.97 11.72
CA GLN F 95 -14.58 4.58 11.56
C GLN F 95 -13.57 3.63 12.19
N GLN F 96 -14.04 2.72 13.06
CA GLN F 96 -13.17 1.71 13.66
C GLN F 96 -12.86 0.63 12.60
N VAL F 97 -11.60 0.22 12.49
CA VAL F 97 -11.17 -0.79 11.52
C VAL F 97 -10.35 -1.92 12.17
N LEU F 98 -10.19 -3.05 11.46
CA LEU F 98 -9.39 -4.16 11.94
C LEU F 98 -8.82 -4.96 10.79
N PRO F 99 -7.51 -4.81 10.48
CA PRO F 99 -6.94 -5.59 9.37
C PRO F 99 -6.47 -6.95 9.84
N LEU F 100 -6.81 -7.99 9.09
CA LEU F 100 -6.45 -9.37 9.44
C LEU F 100 -4.95 -9.62 9.34
N ASP F 101 -4.21 -8.80 8.57
CA ASP F 101 -2.76 -8.88 8.45
C ASP F 101 -2.05 -8.35 9.71
N SER F 102 -2.83 -7.84 10.69
CA SER F 102 -2.32 -7.34 11.96
C SER F 102 -2.80 -8.20 13.12
N ILE F 103 -3.17 -9.45 12.83
CA ILE F 103 -3.64 -10.43 13.81
C ILE F 103 -2.64 -11.58 13.79
N TYR F 104 -2.12 -11.99 14.98
CA TYR F 104 -1.11 -13.04 15.14
C TYR F 104 -1.58 -14.42 14.69
N ARG F 105 -1.25 -14.78 13.45
CA ARG F 105 -1.59 -16.08 12.90
C ARG F 105 -0.42 -16.98 13.29
N LYS F 106 -0.63 -17.84 14.32
CA LYS F 106 0.39 -18.73 14.90
C LYS F 106 0.83 -19.92 13.97
N THR F 107 1.48 -20.95 14.58
CA THR F 107 2.03 -22.18 13.98
C THR F 107 1.03 -22.93 13.05
N LEU F 108 1.55 -23.75 12.11
CA LEU F 108 0.69 -24.52 11.18
C LEU F 108 -0.17 -25.60 11.91
N PRO F 109 0.36 -26.50 12.80
CA PRO F 109 -0.54 -27.47 13.45
C PRO F 109 -1.22 -26.96 14.73
N ASP F 110 -2.12 -27.78 15.31
CA ASP F 110 -2.85 -27.49 16.54
C ASP F 110 -2.12 -28.05 17.78
N TRP F 111 -1.38 -29.18 17.62
CA TRP F 111 -0.57 -29.81 18.68
C TRP F 111 0.66 -28.94 19.07
N LYS F 112 0.82 -27.81 18.36
CA LYS F 112 1.85 -26.79 18.57
C LYS F 112 1.14 -25.49 19.02
N ARG F 113 0.11 -25.65 19.94
CA ARG F 113 -0.71 -24.58 20.55
C ARG F 113 -1.62 -25.13 21.69
N PRO F 114 -1.09 -25.43 22.91
CA PRO F 114 -1.98 -25.94 23.98
C PRO F 114 -2.58 -24.86 24.86
N LEU F 115 -3.54 -25.23 25.75
CA LEU F 115 -4.18 -24.28 26.67
C LEU F 115 -3.15 -23.69 27.63
N PRO F 116 -3.32 -22.45 28.11
CA PRO F 116 -2.26 -21.82 28.93
C PRO F 116 -1.86 -22.53 30.23
N HIS F 117 -2.67 -23.48 30.75
CA HIS F 117 -2.31 -24.21 31.97
C HIS F 117 -1.24 -25.28 31.68
N PHE F 118 -0.89 -25.42 30.36
CA PHE F 118 0.06 -26.36 29.76
C PHE F 118 1.26 -25.63 29.12
N ARG F 119 1.58 -24.39 29.57
CA ARG F 119 2.65 -23.56 28.99
C ARG F 119 4.09 -24.07 29.19
N ASN F 120 4.93 -23.98 28.11
CA ASN F 120 6.35 -24.40 28.10
C ASN F 120 6.53 -25.94 28.39
N GLY F 121 5.57 -26.74 27.92
CA GLY F 121 5.55 -28.20 28.12
C GLY F 121 5.63 -28.57 29.59
N LYS F 122 4.55 -28.28 30.34
CA LYS F 122 4.40 -28.51 31.77
C LYS F 122 2.95 -28.21 32.15
N LEU F 123 2.32 -29.10 32.91
CA LEU F 123 0.98 -28.83 33.43
C LEU F 123 1.23 -28.04 34.73
N HIS F 124 0.85 -26.76 34.74
CA HIS F 124 1.08 -25.88 35.88
C HIS F 124 0.03 -26.01 37.00
N PHE F 125 -1.21 -26.41 36.63
CA PHE F 125 -2.30 -26.62 37.56
C PHE F 125 -3.43 -27.47 36.96
N LYS F 126 -4.24 -28.14 37.84
CA LYS F 126 -5.39 -28.96 37.45
C LYS F 126 -6.60 -28.00 37.34
N PRO F 127 -7.03 -27.61 36.12
CA PRO F 127 -8.09 -26.59 35.99
C PRO F 127 -9.48 -27.14 36.23
N PHE F 128 -10.45 -26.22 36.45
CA PHE F 128 -11.85 -26.58 36.65
C PHE F 128 -12.69 -26.00 35.51
N GLY F 129 -13.93 -26.46 35.41
CA GLY F 129 -14.90 -26.05 34.40
C GLY F 129 -14.55 -26.39 32.97
N ASN F 130 -13.74 -27.44 32.77
CA ASN F 130 -13.31 -27.96 31.46
C ASN F 130 -12.97 -26.85 30.44
N PRO F 131 -11.79 -26.17 30.61
CA PRO F 131 -11.42 -25.14 29.63
C PRO F 131 -11.14 -25.80 28.29
N VAL F 132 -11.52 -25.09 27.22
CA VAL F 132 -11.37 -25.54 25.83
C VAL F 132 -11.31 -24.33 24.92
N PHE F 133 -10.41 -24.35 23.91
CA PHE F 133 -10.32 -23.23 22.98
C PHE F 133 -11.64 -23.10 22.24
N ALA F 134 -12.21 -21.87 22.24
CA ALA F 134 -13.49 -21.58 21.61
C ALA F 134 -13.52 -22.10 20.19
N ARG F 135 -12.42 -21.84 19.44
CA ARG F 135 -12.22 -22.27 18.06
C ARG F 135 -12.38 -23.78 17.88
N ASP F 136 -11.85 -24.56 18.84
CA ASP F 136 -11.90 -26.02 18.82
C ASP F 136 -13.32 -26.59 18.89
N LEU F 137 -14.34 -25.75 19.16
CA LEU F 137 -15.74 -26.17 19.22
C LEU F 137 -16.50 -26.05 17.90
N LEU F 138 -15.96 -25.28 16.93
CA LEU F 138 -16.60 -25.05 15.62
C LEU F 138 -16.21 -26.11 14.61
N THR F 139 -17.22 -26.67 13.94
CA THR F 139 -17.02 -27.69 12.92
C THR F 139 -17.51 -27.13 11.58
N PHE F 140 -16.60 -26.44 10.89
CA PHE F 140 -16.89 -25.83 9.60
C PHE F 140 -16.87 -26.86 8.48
N PRO F 141 -17.98 -26.99 7.73
CA PRO F 141 -17.98 -27.93 6.59
C PRO F 141 -17.02 -27.49 5.47
N ASP F 142 -16.65 -28.43 4.57
CA ASP F 142 -15.70 -28.24 3.47
C ASP F 142 -16.00 -27.03 2.54
N ASN F 143 -17.30 -26.69 2.32
CA ASN F 143 -17.73 -25.57 1.48
C ASN F 143 -17.27 -24.19 2.01
N ILE F 144 -17.29 -24.01 3.34
CA ILE F 144 -16.89 -22.75 3.98
C ILE F 144 -15.67 -22.94 4.89
N GLU F 145 -14.68 -23.71 4.43
CA GLU F 145 -13.41 -23.89 5.15
C GLU F 145 -12.56 -22.61 4.97
N HIS F 146 -13.06 -21.70 4.09
CA HIS F 146 -12.52 -20.38 3.78
C HIS F 146 -12.78 -19.47 4.96
N CYS F 147 -13.90 -19.71 5.69
CA CYS F 147 -14.28 -18.90 6.84
C CYS F 147 -13.76 -19.45 8.19
N GLU F 148 -13.26 -20.70 8.21
CA GLU F 148 -12.68 -21.36 9.38
C GLU F 148 -11.40 -20.62 9.80
N THR F 149 -10.64 -20.11 8.80
CA THR F 149 -9.39 -19.39 9.03
C THR F 149 -9.65 -18.08 9.73
N VAL F 150 -10.47 -17.19 9.11
CA VAL F 150 -10.83 -15.87 9.63
C VAL F 150 -11.47 -15.95 11.02
N PHE F 151 -12.25 -17.02 11.27
CA PHE F 151 -12.89 -17.29 12.55
C PHE F 151 -11.86 -17.61 13.61
N GLY F 152 -11.01 -18.58 13.33
CA GLY F 152 -9.91 -18.99 14.21
C GLY F 152 -8.99 -17.85 14.58
N LEU F 154 -10.13 -14.26 14.39
CA LEU F 154 -10.98 -13.32 15.14
C LEU F 154 -11.35 -13.81 16.54
N LEU F 155 -11.55 -15.12 16.69
CA LEU F 155 -11.84 -15.75 17.98
C LEU F 155 -10.54 -15.78 18.74
N GLY F 156 -9.48 -16.26 18.11
CA GLY F 156 -8.17 -16.32 18.72
C GLY F 156 -8.09 -17.33 19.84
N ASP F 157 -7.25 -17.02 20.84
CA ASP F 157 -7.01 -17.90 21.98
C ASP F 157 -8.11 -17.85 23.07
N THR F 158 -9.30 -17.23 22.79
CA THR F 158 -10.35 -17.15 23.81
C THR F 158 -10.79 -18.58 24.19
N ILE F 159 -10.99 -18.79 25.50
CA ILE F 159 -11.31 -20.09 26.10
C ILE F 159 -12.68 -20.10 26.72
N ILE F 160 -13.36 -21.22 26.55
CA ILE F 160 -14.67 -21.42 27.12
C ILE F 160 -14.58 -22.36 28.30
N LEU F 161 -14.97 -21.84 29.47
CA LEU F 161 -15.04 -22.60 30.72
C LEU F 161 -16.52 -22.74 31.07
N ASP F 162 -16.87 -23.65 31.98
CA ASP F 162 -18.25 -23.92 32.34
C ASP F 162 -18.96 -22.79 33.08
N ASN F 163 -18.27 -22.17 34.05
CA ASN F 163 -18.84 -21.12 34.90
C ASN F 163 -17.83 -20.05 35.28
N LEU F 164 -18.33 -18.97 35.91
CA LEU F 164 -17.49 -17.86 36.35
C LEU F 164 -16.50 -18.28 37.42
N ASP F 165 -16.92 -19.10 38.38
CA ASP F 165 -16.08 -19.61 39.47
C ASP F 165 -14.86 -20.32 38.90
N ALA F 166 -15.09 -21.16 37.87
CA ALA F 166 -14.04 -21.90 37.16
C ALA F 166 -13.08 -20.92 36.50
N ALA F 167 -13.65 -19.97 35.73
CA ALA F 167 -12.96 -18.95 34.96
C ALA F 167 -12.09 -18.04 35.82
N ASN F 168 -12.67 -17.55 36.92
CA ASN F 168 -11.97 -16.68 37.88
C ASN F 168 -10.72 -17.38 38.37
N HIS F 169 -10.85 -18.67 38.69
CA HIS F 169 -9.78 -19.53 39.17
C HIS F 169 -8.75 -19.71 38.08
N TYR F 170 -9.20 -20.04 36.86
CA TYR F 170 -8.32 -20.26 35.72
C TYR F 170 -7.43 -19.08 35.48
N ARG F 171 -8.04 -17.88 35.41
CA ARG F 171 -7.28 -16.66 35.19
C ARG F 171 -6.28 -16.37 36.27
N LYS F 172 -6.67 -16.52 37.55
CA LYS F 172 -5.80 -16.27 38.70
C LYS F 172 -4.51 -17.04 38.58
N GLU F 173 -4.63 -18.32 38.19
CA GLU F 173 -3.53 -19.27 38.05
C GLU F 173 -2.73 -19.05 36.76
N VAL F 174 -3.41 -18.92 35.61
CA VAL F 174 -2.74 -18.72 34.31
C VAL F 174 -1.78 -17.51 34.37
N VAL F 175 -2.27 -16.40 34.90
CA VAL F 175 -1.57 -15.13 35.05
C VAL F 175 -0.31 -15.25 35.97
N LYS F 176 -0.17 -16.35 36.73
CA LYS F 176 1.02 -16.59 37.56
C LYS F 176 2.21 -16.96 36.69
N ILE F 177 1.94 -17.45 35.46
CA ILE F 177 3.00 -17.90 34.55
C ILE F 177 3.00 -17.20 33.19
N THR F 178 1.83 -16.82 32.68
CA THR F 178 1.72 -16.17 31.36
C THR F 178 0.51 -15.23 31.23
N HIS F 179 0.35 -14.60 30.05
CA HIS F 179 -0.77 -13.74 29.69
C HIS F 179 -2.01 -14.62 29.54
N CYS F 180 -3.17 -14.11 29.94
CA CYS F 180 -4.40 -14.89 29.86
C CYS F 180 -5.36 -14.33 28.82
N PRO F 181 -5.86 -15.19 27.90
CA PRO F 181 -6.79 -14.71 26.88
C PRO F 181 -8.18 -14.41 27.44
N THR F 182 -9.08 -14.02 26.53
CA THR F 182 -10.44 -13.75 26.92
C THR F 182 -11.02 -15.07 27.43
N LEU F 183 -11.79 -15.02 28.51
CA LEU F 183 -12.44 -16.21 29.02
C LEU F 183 -13.92 -16.02 28.86
N LEU F 184 -14.60 -17.04 28.32
CA LEU F 184 -16.05 -17.02 28.18
C LEU F 184 -16.62 -18.16 28.97
N THR F 185 -17.73 -17.91 29.68
CA THR F 185 -18.36 -18.98 30.42
C THR F 185 -19.52 -19.50 29.61
N ARG F 186 -19.87 -20.78 29.83
CA ARG F 186 -21.02 -21.39 29.20
C ARG F 186 -22.33 -20.76 29.78
N ASP F 187 -22.22 -19.98 30.88
CA ASP F 187 -23.34 -19.27 31.50
C ASP F 187 -23.53 -17.89 30.81
N GLY F 188 -22.68 -17.58 29.83
CA GLY F 188 -22.76 -16.36 29.04
C GLY F 188 -21.98 -15.19 29.57
N ASP F 189 -20.90 -15.47 30.29
CA ASP F 189 -20.07 -14.43 30.89
C ASP F 189 -18.76 -14.23 30.18
N ARG F 190 -18.26 -12.99 30.18
CA ARG F 190 -16.98 -12.70 29.59
C ARG F 190 -16.04 -12.09 30.62
N ILE F 191 -14.79 -12.55 30.60
CA ILE F 191 -13.70 -11.99 31.36
C ILE F 191 -12.71 -11.54 30.28
N ARG F 192 -12.66 -10.23 30.06
CA ARG F 192 -11.79 -9.62 29.08
C ARG F 192 -10.35 -9.95 29.38
N SER F 193 -9.52 -10.06 28.32
CA SER F 193 -8.09 -10.36 28.35
C SER F 193 -7.28 -9.43 29.28
N ASN F 194 -7.82 -8.23 29.60
CA ASN F 194 -7.19 -7.26 30.50
C ASN F 194 -7.57 -7.51 31.96
N GLY F 195 -8.41 -8.51 32.20
CA GLY F 195 -8.86 -8.91 33.53
C GLY F 195 -10.23 -8.42 33.94
N LYS F 196 -10.76 -7.41 33.22
CA LYS F 196 -12.07 -6.81 33.46
C LYS F 196 -13.19 -7.80 33.20
N PHE F 197 -14.07 -7.93 34.17
CA PHE F 197 -15.28 -8.75 34.09
C PHE F 197 -16.37 -7.99 34.80
N GLY F 198 -17.62 -8.35 34.55
CA GLY F 198 -18.71 -7.60 35.14
C GLY F 198 -19.22 -6.53 34.21
N GLY F 199 -20.40 -6.03 34.51
CA GLY F 199 -21.10 -5.06 33.67
C GLY F 199 -21.95 -5.78 32.65
N LEU F 200 -23.02 -5.12 32.14
CA LEU F 200 -23.89 -5.73 31.15
C LEU F 200 -23.20 -5.92 29.80
N GLN F 201 -22.09 -5.18 29.60
CA GLN F 201 -21.21 -5.24 28.44
C GLN F 201 -20.63 -6.63 28.31
N ASN F 202 -20.44 -7.33 29.45
CA ASN F 202 -19.80 -8.63 29.49
C ASN F 202 -20.73 -9.81 29.82
N LYS F 203 -22.01 -9.70 29.45
CA LYS F 203 -22.95 -10.78 29.65
C LYS F 203 -23.83 -10.92 28.42
N ALA F 204 -23.87 -12.14 27.87
CA ALA F 204 -24.69 -12.50 26.72
C ALA F 204 -26.18 -12.48 27.09
N PRO F 205 -27.06 -12.03 26.18
CA PRO F 205 -28.50 -12.02 26.51
C PRO F 205 -29.09 -13.43 26.61
N PRO F 206 -30.12 -13.65 27.46
CA PRO F 206 -30.66 -15.01 27.64
C PRO F 206 -31.24 -15.71 26.37
N UNK G 1 0.57 -11.34 -40.62
CA UNK G 1 0.65 -11.85 -41.99
C UNK G 1 -0.21 -13.11 -42.17
N UNK G 2 0.01 -14.13 -41.31
CA UNK G 2 -0.72 -15.40 -41.32
C UNK G 2 -2.05 -15.26 -40.58
N UNK G 3 -2.04 -14.46 -39.48
CA UNK G 3 -3.21 -14.18 -38.64
C UNK G 3 -4.24 -13.31 -39.36
N UNK G 4 -3.77 -12.29 -40.13
CA UNK G 4 -4.60 -11.35 -40.89
C UNK G 4 -5.50 -12.04 -41.93
N UNK G 5 -4.99 -13.10 -42.60
CA UNK G 5 -5.71 -13.91 -43.60
C UNK G 5 -6.69 -14.91 -42.94
N UNK G 6 -6.54 -15.15 -41.61
CA UNK G 6 -7.40 -16.03 -40.79
C UNK G 6 -8.57 -15.24 -40.22
N UNK G 7 -8.33 -13.96 -39.83
CA UNK G 7 -9.34 -13.03 -39.28
C UNK G 7 -10.33 -12.59 -40.37
N UNK G 8 -9.82 -12.25 -41.58
CA UNK G 8 -10.65 -11.86 -42.73
C UNK G 8 -11.46 -13.06 -43.26
N UNK G 9 -11.00 -14.30 -42.98
CA UNK G 9 -11.63 -15.58 -43.33
C UNK G 9 -12.65 -16.01 -42.26
N UNK G 10 -12.50 -15.47 -41.02
CA UNK G 10 -13.38 -15.70 -39.87
C UNK G 10 -14.53 -14.69 -39.87
N UNK G 11 -14.25 -13.43 -40.29
CA UNK G 11 -15.22 -12.34 -40.39
C UNK G 11 -16.20 -12.61 -41.55
N UNK G 12 -15.67 -13.05 -42.72
CA UNK G 12 -16.46 -13.37 -43.90
C UNK G 12 -17.17 -14.70 -43.71
N UNK H 1 49.50 -16.76 38.98
CA UNK H 1 49.03 -17.37 37.74
C UNK H 1 48.81 -16.35 36.62
N UNK H 2 49.05 -16.77 35.36
CA UNK H 2 48.84 -15.94 34.17
C UNK H 2 47.33 -15.73 33.98
N UNK H 3 46.51 -16.79 34.25
CA UNK H 3 45.05 -16.79 34.16
C UNK H 3 44.41 -15.91 35.24
N UNK H 4 44.94 -15.97 36.49
CA UNK H 4 44.46 -15.19 37.65
C UNK H 4 44.64 -13.69 37.44
N UNK H 5 45.76 -13.29 36.77
CA UNK H 5 46.14 -11.92 36.46
C UNK H 5 45.33 -11.31 35.32
N UNK H 6 45.18 -12.08 34.20
CA UNK H 6 44.44 -11.67 33.01
C UNK H 6 42.95 -11.45 33.30
N UNK H 7 42.41 -12.17 34.31
CA UNK H 7 41.03 -12.09 34.78
C UNK H 7 40.69 -10.70 35.33
N UNK H 8 41.55 -10.17 36.23
CA UNK H 8 41.39 -8.84 36.84
C UNK H 8 41.69 -7.71 35.84
N UNK H 9 42.74 -7.91 35.00
CA UNK H 9 43.21 -6.96 33.97
C UNK H 9 42.17 -6.71 32.86
N UNK H 10 41.32 -7.72 32.54
CA UNK H 10 40.27 -7.64 31.51
C UNK H 10 38.96 -7.08 32.09
N UNK H 11 38.68 -7.37 33.38
CA UNK H 11 37.51 -6.89 34.12
C UNK H 11 37.65 -5.40 34.41
N UNK H 12 38.86 -4.95 34.82
CA UNK H 12 39.17 -3.54 35.11
C UNK H 12 39.23 -2.72 33.82
N UNK H 13 39.59 -3.35 32.67
CA UNK H 13 39.61 -2.73 31.34
C UNK H 13 38.15 -2.58 30.86
N UNK H 14 37.24 -3.44 31.39
CA UNK H 14 35.80 -3.43 31.13
C UNK H 14 35.10 -2.41 32.05
N UNK H 15 35.69 -2.13 33.25
CA UNK H 15 35.20 -1.16 34.24
C UNK H 15 35.27 0.28 33.71
N UNK H 16 36.40 0.66 33.08
CA UNK H 16 36.64 1.98 32.47
C UNK H 16 35.81 2.16 31.19
N UNK H 17 35.70 1.10 30.37
CA UNK H 17 34.96 1.08 29.10
C UNK H 17 33.44 1.21 29.27
N UNK H 18 32.85 0.54 30.31
CA UNK H 18 31.42 0.58 30.61
C UNK H 18 30.94 1.97 31.05
N UNK H 19 31.85 2.76 31.69
CA UNK H 19 31.60 4.12 32.21
C UNK H 19 31.58 5.18 31.10
N UNK H 20 32.60 5.20 30.22
CA UNK H 20 32.73 6.15 29.10
C UNK H 20 31.65 5.96 28.00
N UNK H 21 30.92 4.81 28.02
CA UNK H 21 29.84 4.44 27.09
C UNK H 21 28.63 5.37 27.21
#